data_8CXL
#
_entry.id   8CXL
#
_cell.length_a   155.447
_cell.length_b   96.095
_cell.length_c   72.280
_cell.angle_alpha   90.000
_cell.angle_beta   90.000
_cell.angle_gamma   90.000
#
_symmetry.space_group_name_H-M   'P 21 21 2'
#
loop_
_entity.id
_entity.type
_entity.pdbx_description
1 polymer NapH3
2 non-polymer 'MAGNESIUM ION'
3 non-polymer 'CHLORIDE ION'
4 water water
#
_entity_poly.entity_id   1
_entity_poly.type   'polypeptide(L)'
_entity_poly.pdbx_seq_one_letter_code
;VTTSAPAQQIPFDFDNGNFIRDLITTHGGGGYPPADAMAPGDVSSYTWVTHLLQTSWFDALAPYHPTAVGVYSRIPRRPA
EESATNRNKNIAGLYAMFQVVKAAFTERVPVLRQALGALGLDPDDESQDLSTAVGIGNTAGKAVAAARMGDGMNALGGKD
RTHNGQPYEDYTGYRPVNTADELVDPSRWQPAVEPHRRRTDGGPGDKGIFTAQRFATPQLGLVAPQTYRDPARFKLAAPD
HLDHNDAGAYRQAVDEVLAASAGLTDEQKVKAEFFEHTPLSVTLSPRAAAMAHDLDLDGWAQLFLVCSTARFDSLIAAWH
HKRAYDTVRPFSAVRHVYGSKPVTAWGGPGKGTVESIPADEWTGYLPVGNHPEYPSGFTTLIAAQAQAARSFLGDDVLNW
THAFPAGSGQREPGAVPASDLELTWATWTDFENDCATSRVWAGA(NEP)FTKTAETSLAFGTQFGDLAHTFVQRHINGDV
KD
;
_entity_poly.pdbx_strand_id   A,B
#
loop_
_chem_comp.id
_chem_comp.type
_chem_comp.name
_chem_comp.formula
CL non-polymer 'CHLORIDE ION' 'Cl -1'
MG non-polymer 'MAGNESIUM ION' 'Mg 2'
#
# COMPACT_ATOMS: atom_id res chain seq x y z
N ALA A 5 11.15 1.16 26.60
CA ALA A 5 12.09 2.10 27.20
C ALA A 5 13.48 1.94 26.59
N PRO A 6 14.17 3.06 26.36
CA PRO A 6 15.49 3.00 25.69
C PRO A 6 16.53 2.20 26.46
N ALA A 7 16.48 2.21 27.79
CA ALA A 7 17.45 1.49 28.61
C ALA A 7 16.97 0.11 29.03
N GLN A 8 15.75 -0.28 28.65
CA GLN A 8 15.21 -1.55 29.08
C GLN A 8 16.03 -2.71 28.52
N GLN A 9 16.27 -3.71 29.36
CA GLN A 9 17.02 -4.89 28.98
C GLN A 9 16.09 -6.07 28.78
N ILE A 10 16.53 -7.02 27.97
CA ILE A 10 15.78 -8.24 27.68
C ILE A 10 16.37 -9.37 28.52
N PRO A 11 15.58 -10.03 29.38
CA PRO A 11 16.13 -11.15 30.15
C PRO A 11 16.37 -12.36 29.26
N PHE A 12 17.61 -12.84 29.25
CA PHE A 12 17.98 -13.98 28.42
C PHE A 12 19.22 -14.62 29.01
N ASP A 13 19.20 -15.95 29.10
CA ASP A 13 20.32 -16.71 29.63
C ASP A 13 21.16 -17.16 28.43
N PHE A 14 22.28 -16.48 28.21
CA PHE A 14 23.11 -16.82 27.07
C PHE A 14 23.71 -18.22 27.21
N ASP A 15 23.98 -18.64 28.45
CA ASP A 15 24.68 -19.90 28.68
C ASP A 15 23.77 -21.10 28.51
N ASN A 16 22.54 -21.03 29.04
CA ASN A 16 21.62 -22.15 28.98
C ASN A 16 20.42 -21.93 28.08
N GLY A 17 20.25 -20.72 27.53
CA GLY A 17 19.10 -20.42 26.70
C GLY A 17 19.30 -20.80 25.25
N ASN A 18 18.24 -20.56 24.47
CA ASN A 18 18.14 -20.95 23.07
C ASN A 18 17.57 -19.74 22.35
N PHE A 19 18.40 -19.05 21.57
CA PHE A 19 17.95 -17.78 21.00
C PHE A 19 16.80 -17.96 20.03
N ILE A 20 16.74 -19.09 19.31
CA ILE A 20 15.62 -19.33 18.42
C ILE A 20 14.33 -19.49 19.22
N ARG A 21 14.36 -20.31 20.27
CA ARG A 21 13.17 -20.56 21.07
C ARG A 21 12.84 -19.39 21.98
N ASP A 22 13.86 -18.82 22.63
CA ASP A 22 13.62 -17.86 23.70
C ASP A 22 13.55 -16.41 23.22
N LEU A 23 14.04 -16.12 22.02
CA LEU A 23 14.04 -14.73 21.54
C LEU A 23 13.29 -14.58 20.23
N ILE A 24 13.66 -15.34 19.18
CA ILE A 24 13.17 -15.03 17.84
C ILE A 24 11.72 -15.48 17.68
N THR A 25 11.40 -16.71 18.10
CA THR A 25 10.10 -17.29 17.81
C THR A 25 9.16 -17.28 19.01
N THR A 26 9.46 -16.49 20.04
CA THR A 26 8.56 -16.41 21.18
C THR A 26 7.27 -15.70 20.82
N HIS A 27 6.16 -16.21 21.34
CA HIS A 27 4.85 -15.58 21.16
C HIS A 27 3.93 -16.11 22.25
N GLY A 28 2.83 -15.40 22.48
CA GLY A 28 1.93 -15.74 23.56
C GLY A 28 1.03 -16.93 23.30
N GLY A 29 1.09 -17.52 22.10
CA GLY A 29 0.22 -18.62 21.75
C GLY A 29 -1.19 -18.24 21.38
N GLY A 30 -1.45 -16.96 21.12
CA GLY A 30 -2.79 -16.52 20.76
C GLY A 30 -2.73 -15.37 19.79
N GLY A 31 -3.74 -15.30 18.91
CA GLY A 31 -3.85 -14.20 17.98
C GLY A 31 -2.77 -14.20 16.91
N TYR A 32 -2.67 -13.05 16.23
CA TYR A 32 -1.69 -12.86 15.17
C TYR A 32 -0.57 -11.94 15.64
N PRO A 33 0.65 -12.14 15.15
CA PRO A 33 1.78 -11.30 15.54
C PRO A 33 1.59 -9.88 15.05
N PRO A 34 2.32 -8.91 15.61
CA PRO A 34 2.21 -7.53 15.14
C PRO A 34 2.60 -7.41 13.68
N ALA A 35 1.98 -6.47 12.99
CA ALA A 35 2.18 -6.30 11.55
C ALA A 35 3.38 -5.40 11.29
N ASP A 36 4.04 -5.65 10.16
CA ASP A 36 5.13 -4.78 9.70
C ASP A 36 5.04 -4.70 8.19
N ALA A 37 6.16 -4.34 7.54
CA ALA A 37 6.14 -4.08 6.10
C ALA A 37 6.00 -5.35 5.27
N MET A 38 6.26 -6.52 5.84
CA MET A 38 6.09 -7.77 5.11
C MET A 38 4.67 -8.27 5.36
N ALA A 39 3.85 -8.25 4.32
CA ALA A 39 2.46 -8.65 4.47
C ALA A 39 2.37 -10.14 4.71
N PRO A 40 1.60 -10.59 5.70
CA PRO A 40 1.60 -12.02 6.05
C PRO A 40 1.22 -12.92 4.90
N GLY A 41 0.36 -12.49 4.00
CA GLY A 41 0.00 -13.33 2.87
C GLY A 41 0.97 -13.36 1.71
N ASP A 42 2.06 -12.59 1.73
CA ASP A 42 2.97 -12.53 0.58
C ASP A 42 4.06 -13.59 0.76
N VAL A 43 3.79 -14.78 0.24
CA VAL A 43 4.58 -15.95 0.59
C VAL A 43 5.93 -15.97 -0.13
N SER A 44 6.03 -15.35 -1.31
CA SER A 44 7.25 -15.52 -2.10
C SER A 44 8.41 -14.73 -1.49
N SER A 45 8.22 -13.43 -1.27
CA SER A 45 9.25 -12.64 -0.61
C SER A 45 9.50 -13.13 0.81
N TYR A 46 8.44 -13.53 1.51
CA TYR A 46 8.61 -14.07 2.86
C TYR A 46 9.52 -15.28 2.86
N THR A 47 9.24 -16.25 1.98
CA THR A 47 10.01 -17.49 1.99
C THR A 47 11.46 -17.23 1.63
N TRP A 48 11.69 -16.32 0.69
CA TRP A 48 13.06 -16.02 0.26
C TRP A 48 13.86 -15.37 1.37
N VAL A 49 13.34 -14.29 1.97
CA VAL A 49 14.12 -13.60 3.00
CA VAL A 49 14.09 -13.59 3.01
C VAL A 49 14.28 -14.48 4.24
N THR A 50 13.23 -15.22 4.60
CA THR A 50 13.32 -16.07 5.78
C THR A 50 14.36 -17.16 5.60
N HIS A 51 14.53 -17.64 4.36
CA HIS A 51 15.55 -18.65 4.12
C HIS A 51 16.94 -18.09 4.38
N LEU A 52 17.20 -16.86 3.95
CA LEU A 52 18.48 -16.23 4.27
C LEU A 52 18.66 -16.11 5.77
N LEU A 53 17.62 -15.64 6.46
CA LEU A 53 17.68 -15.47 7.91
C LEU A 53 18.01 -16.77 8.62
N GLN A 54 17.24 -17.82 8.32
CA GLN A 54 17.35 -19.05 9.10
C GLN A 54 18.56 -19.88 8.69
N THR A 55 19.03 -19.74 7.45
CA THR A 55 20.29 -20.38 7.07
C THR A 55 21.47 -19.76 7.79
N SER A 56 21.42 -18.45 8.07
CA SER A 56 22.51 -17.81 8.78
C SER A 56 22.65 -18.35 10.19
N TRP A 57 21.54 -18.73 10.83
CA TRP A 57 21.62 -19.41 12.13
C TRP A 57 22.47 -20.66 12.03
N PHE A 58 22.16 -21.52 11.07
CA PHE A 58 22.88 -22.79 10.92
C PHE A 58 24.34 -22.54 10.59
N ASP A 59 24.62 -21.63 9.66
CA ASP A 59 26.00 -21.37 9.28
C ASP A 59 26.79 -20.76 10.43
N ALA A 60 26.14 -19.98 11.29
CA ALA A 60 26.83 -19.42 12.45
C ALA A 60 27.15 -20.48 13.49
N LEU A 61 26.30 -21.49 13.63
CA LEU A 61 26.52 -22.52 14.63
C LEU A 61 27.41 -23.66 14.13
N ALA A 62 27.55 -23.80 12.82
CA ALA A 62 28.30 -24.94 12.28
C ALA A 62 29.73 -25.04 12.81
N PRO A 63 30.52 -23.97 12.91
CA PRO A 63 31.87 -24.13 13.46
C PRO A 63 31.90 -24.55 14.92
N TYR A 64 30.80 -24.37 15.64
CA TYR A 64 30.71 -24.79 17.04
C TYR A 64 30.21 -26.22 17.19
N HIS A 65 29.95 -26.86 16.15
CA HIS A 65 29.50 -28.23 16.03
C HIS A 65 30.70 -29.15 15.84
N PRO A 66 30.62 -30.42 16.26
CA PRO A 66 31.76 -31.31 16.05
C PRO A 66 32.07 -31.57 14.58
N THR A 67 31.07 -31.55 13.70
CA THR A 67 31.26 -31.92 12.31
C THR A 67 30.61 -31.00 11.29
N ALA A 68 29.59 -30.23 11.65
CA ALA A 68 28.80 -29.49 10.67
C ALA A 68 29.65 -28.46 9.93
N VAL A 69 29.28 -28.21 8.67
CA VAL A 69 29.86 -27.13 7.88
C VAL A 69 28.73 -26.28 7.34
N GLY A 70 29.02 -25.00 7.13
CA GLY A 70 27.99 -24.06 6.72
C GLY A 70 27.58 -24.24 5.27
N VAL A 71 26.40 -23.72 4.96
CA VAL A 71 25.86 -23.79 3.61
C VAL A 71 26.55 -22.76 2.72
N TYR A 72 26.72 -21.54 3.20
CA TYR A 72 27.30 -20.46 2.42
C TYR A 72 28.67 -20.04 2.90
N SER A 73 29.19 -20.65 3.97
CA SER A 73 30.53 -20.34 4.43
C SER A 73 31.17 -21.59 5.00
N ARG A 74 32.50 -21.58 5.02
CA ARG A 74 33.29 -22.64 5.63
C ARG A 74 34.21 -21.94 6.62
N ILE A 75 33.82 -21.94 7.88
CA ILE A 75 34.52 -21.23 8.95
C ILE A 75 35.27 -22.27 9.78
N PRO A 76 36.56 -22.09 10.02
CA PRO A 76 37.34 -23.12 10.73
C PRO A 76 36.71 -23.50 12.07
N ARG A 77 36.62 -24.80 12.30
CA ARG A 77 35.92 -25.32 13.47
C ARG A 77 36.54 -24.81 14.76
N ARG A 78 35.67 -24.58 15.76
CA ARG A 78 36.11 -24.09 17.06
C ARG A 78 36.38 -25.26 18.01
N PRO A 79 37.24 -25.06 19.00
CA PRO A 79 37.42 -26.09 20.03
C PRO A 79 36.10 -26.40 20.72
N ALA A 80 35.96 -27.66 21.15
CA ALA A 80 34.70 -28.10 21.75
C ALA A 80 34.36 -27.31 23.01
N GLU A 81 35.37 -26.80 23.73
CA GLU A 81 35.12 -26.04 24.94
C GLU A 81 34.28 -24.80 24.67
N GLU A 82 34.38 -24.24 23.46
CA GLU A 82 33.60 -23.07 23.14
C GLU A 82 32.12 -23.39 22.95
N SER A 83 31.74 -24.67 23.00
CA SER A 83 30.35 -25.10 22.99
C SER A 83 29.93 -25.73 24.32
N ALA A 84 30.73 -25.57 25.38
CA ALA A 84 30.34 -26.10 26.68
C ALA A 84 29.04 -25.48 27.16
N THR A 85 28.85 -24.19 26.92
CA THR A 85 27.54 -23.54 27.08
C THR A 85 27.07 -23.06 25.72
N ASN A 86 25.85 -22.52 25.69
CA ASN A 86 25.26 -22.00 24.46
C ASN A 86 25.64 -20.55 24.17
N ARG A 87 26.54 -19.95 24.98
CA ARG A 87 26.76 -18.51 24.88
C ARG A 87 27.31 -18.11 23.52
N ASN A 88 28.35 -18.80 23.05
CA ASN A 88 28.93 -18.44 21.76
C ASN A 88 27.97 -18.70 20.62
N LYS A 89 27.29 -19.85 20.66
CA LYS A 89 26.32 -20.17 19.61
C LYS A 89 25.18 -19.16 19.60
N ASN A 90 24.69 -18.76 20.78
CA ASN A 90 23.63 -17.76 20.83
C ASN A 90 24.10 -16.43 20.26
N ILE A 91 25.29 -15.98 20.65
CA ILE A 91 25.81 -14.70 20.15
C ILE A 91 26.03 -14.78 18.65
N ALA A 92 26.63 -15.88 18.17
CA ALA A 92 26.93 -15.99 16.75
C ALA A 92 25.66 -16.04 15.91
N GLY A 93 24.65 -16.80 16.35
CA GLY A 93 23.41 -16.85 15.60
C GLY A 93 22.72 -15.50 15.52
N LEU A 94 22.77 -14.72 16.60
CA LEU A 94 22.13 -13.41 16.60
C LEU A 94 22.85 -12.45 15.65
N TYR A 95 24.18 -12.44 15.67
CA TYR A 95 24.90 -11.55 14.76
C TYR A 95 24.74 -11.97 13.32
N ALA A 96 24.66 -13.28 13.04
CA ALA A 96 24.51 -13.74 11.66
C ALA A 96 23.17 -13.28 11.09
N MET A 97 22.08 -13.48 11.82
CA MET A 97 20.80 -13.01 11.29
C MET A 97 20.73 -11.49 11.26
N PHE A 98 21.46 -10.81 12.16
CA PHE A 98 21.54 -9.36 12.12
C PHE A 98 22.16 -8.88 10.82
N GLN A 99 23.21 -9.58 10.34
CA GLN A 99 23.79 -9.24 9.05
C GLN A 99 22.80 -9.46 7.91
N VAL A 100 22.02 -10.54 7.97
CA VAL A 100 20.99 -10.77 6.95
C VAL A 100 19.94 -9.67 6.99
N VAL A 101 19.53 -9.27 8.19
CA VAL A 101 18.54 -8.21 8.33
C VAL A 101 19.07 -6.90 7.75
N LYS A 102 20.33 -6.58 8.05
CA LYS A 102 20.93 -5.36 7.50
C LYS A 102 20.98 -5.40 5.98
N ALA A 103 21.13 -6.58 5.40
CA ALA A 103 21.21 -6.69 3.95
C ALA A 103 19.85 -6.83 3.27
N ALA A 104 18.91 -7.56 3.88
CA ALA A 104 17.70 -7.97 3.16
C ALA A 104 16.41 -7.56 3.84
N PHE A 105 16.45 -6.96 5.02
CA PHE A 105 15.24 -6.58 5.75
C PHE A 105 15.53 -5.29 6.51
N THR A 106 15.93 -4.25 5.77
CA THR A 106 16.39 -3.03 6.41
C THR A 106 15.31 -2.40 7.27
N GLU A 107 14.03 -2.66 6.95
CA GLU A 107 12.94 -2.15 7.79
C GLU A 107 13.04 -2.63 9.22
N ARG A 108 13.61 -3.82 9.44
CA ARG A 108 13.71 -4.43 10.76
C ARG A 108 14.96 -3.98 11.53
N VAL A 109 15.89 -3.28 10.88
CA VAL A 109 17.15 -2.94 11.54
C VAL A 109 16.97 -2.16 12.84
N PRO A 110 16.15 -1.10 12.90
CA PRO A 110 16.04 -0.35 14.16
C PRO A 110 15.56 -1.20 15.34
N VAL A 111 14.54 -2.04 15.13
CA VAL A 111 14.05 -2.86 16.22
C VAL A 111 15.09 -3.90 16.62
N LEU A 112 15.78 -4.49 15.64
CA LEU A 112 16.79 -5.50 15.97
C LEU A 112 18.00 -4.88 16.65
N ARG A 113 18.46 -3.71 16.17
CA ARG A 113 19.53 -2.99 16.85
C ARG A 113 19.18 -2.74 18.31
N GLN A 114 17.93 -2.34 18.57
CA GLN A 114 17.51 -2.08 19.94
C GLN A 114 17.47 -3.36 20.75
N ALA A 115 17.00 -4.47 20.16
CA ALA A 115 16.95 -5.73 20.89
C ALA A 115 18.35 -6.24 21.21
N LEU A 116 19.29 -6.10 20.28
CA LEU A 116 20.66 -6.52 20.56
C LEU A 116 21.28 -5.69 21.67
N GLY A 117 21.06 -4.37 21.64
CA GLY A 117 21.56 -3.52 22.71
C GLY A 117 20.94 -3.88 24.06
N ALA A 118 19.66 -4.23 24.06
CA ALA A 118 19.00 -4.64 25.29
C ALA A 118 19.53 -5.97 25.81
N LEU A 119 20.07 -6.81 24.95
CA LEU A 119 20.69 -8.07 25.35
C LEU A 119 22.11 -7.89 25.86
N GLY A 120 22.66 -6.67 25.77
CA GLY A 120 24.04 -6.43 26.14
C GLY A 120 25.04 -6.60 25.02
N LEU A 121 24.58 -6.75 23.79
CA LEU A 121 25.45 -6.93 22.64
C LEU A 121 25.61 -5.60 21.89
N ASP A 122 26.82 -5.34 21.43
CA ASP A 122 27.13 -4.13 20.68
C ASP A 122 26.53 -4.20 19.28
N PRO A 123 25.51 -3.39 18.97
CA PRO A 123 24.88 -3.47 17.64
C PRO A 123 25.73 -2.91 16.52
N ASP A 124 26.87 -2.28 16.83
CA ASP A 124 27.77 -1.76 15.82
C ASP A 124 29.03 -2.59 15.66
N ASP A 125 29.12 -3.72 16.35
CA ASP A 125 30.31 -4.58 16.25
C ASP A 125 30.31 -5.28 14.90
N GLU A 126 31.25 -4.89 14.03
CA GLU A 126 31.42 -5.53 12.73
C GLU A 126 32.68 -6.40 12.68
N SER A 127 33.22 -6.75 13.85
CA SER A 127 34.40 -7.62 13.91
C SER A 127 34.15 -8.92 13.17
N GLN A 128 35.19 -9.41 12.50
CA GLN A 128 35.15 -10.71 11.83
C GLN A 128 36.27 -11.61 12.34
N ASP A 129 36.58 -11.49 13.63
CA ASP A 129 37.54 -12.40 14.26
C ASP A 129 36.90 -13.78 14.39
N LEU A 130 37.44 -14.75 13.66
CA LEU A 130 36.84 -16.07 13.54
C LEU A 130 37.07 -16.96 14.77
N SER A 131 37.72 -16.45 15.80
CA SER A 131 37.77 -17.13 17.10
C SER A 131 36.74 -16.59 18.07
N THR A 132 35.94 -15.61 17.65
CA THR A 132 34.92 -15.01 18.50
C THR A 132 33.54 -15.27 17.92
N ALA A 133 32.54 -15.30 18.82
CA ALA A 133 31.17 -15.55 18.37
C ALA A 133 30.68 -14.44 17.48
N VAL A 134 30.96 -13.18 17.83
CA VAL A 134 30.52 -12.06 17.00
C VAL A 134 31.17 -12.13 15.62
N GLY A 135 32.46 -12.45 15.57
CA GLY A 135 33.13 -12.53 14.28
C GLY A 135 32.62 -13.68 13.43
N ILE A 136 32.36 -14.83 14.04
CA ILE A 136 31.81 -15.96 13.32
C ILE A 136 30.41 -15.63 12.81
N GLY A 137 29.58 -15.04 13.67
CA GLY A 137 28.23 -14.67 13.26
C GLY A 137 28.24 -13.66 12.14
N ASN A 138 29.00 -12.57 12.30
CA ASN A 138 29.10 -11.56 11.25
C ASN A 138 29.56 -12.17 9.94
N THR A 139 30.56 -13.05 10.00
CA THR A 139 31.08 -13.68 8.79
C THR A 139 30.03 -14.58 8.15
N ALA A 140 29.39 -15.42 8.95
CA ALA A 140 28.39 -16.34 8.42
C ALA A 140 27.21 -15.59 7.82
N GLY A 141 26.73 -14.56 8.51
CA GLY A 141 25.62 -13.79 7.99
C GLY A 141 25.98 -13.05 6.72
N LYS A 142 27.17 -12.45 6.67
CA LYS A 142 27.60 -11.75 5.46
C LYS A 142 27.73 -12.71 4.29
N ALA A 143 28.18 -13.94 4.55
CA ALA A 143 28.34 -14.90 3.46
C ALA A 143 27.00 -15.27 2.85
N VAL A 144 25.97 -15.42 3.69
CA VAL A 144 24.62 -15.70 3.18
C VAL A 144 24.15 -14.54 2.30
N ALA A 145 24.28 -13.31 2.80
CA ALA A 145 23.85 -12.16 2.04
C ALA A 145 24.63 -12.01 0.75
N ALA A 146 25.95 -12.22 0.80
CA ALA A 146 26.78 -12.07 -0.39
C ALA A 146 26.41 -13.09 -1.47
N ALA A 147 26.02 -14.28 -1.07
CA ALA A 147 25.67 -15.30 -2.04
C ALA A 147 24.28 -15.10 -2.63
N ARG A 148 23.38 -14.43 -1.92
CA ARG A 148 21.98 -14.43 -2.31
C ARG A 148 21.42 -13.08 -2.73
N MET A 149 21.95 -11.97 -2.23
CA MET A 149 21.34 -10.67 -2.53
C MET A 149 21.35 -10.38 -4.03
N GLY A 150 22.29 -10.96 -4.77
CA GLY A 150 22.34 -10.78 -6.20
C GLY A 150 21.83 -11.98 -6.98
N ASP A 151 21.06 -12.84 -6.35
CA ASP A 151 20.53 -14.02 -7.04
C ASP A 151 19.36 -13.60 -7.92
N GLY A 152 18.66 -14.58 -8.47
CA GLY A 152 17.58 -14.30 -9.41
C GLY A 152 16.36 -13.63 -8.82
N MET A 153 16.30 -13.49 -7.50
CA MET A 153 15.14 -12.84 -6.89
C MET A 153 15.12 -11.34 -7.16
N ASN A 154 16.26 -10.75 -7.52
CA ASN A 154 16.37 -9.31 -7.76
C ASN A 154 15.99 -8.50 -6.54
N ALA A 155 16.37 -9.00 -5.36
CA ALA A 155 15.99 -8.36 -4.10
C ALA A 155 16.54 -6.94 -3.98
N LEU A 156 17.60 -6.61 -4.71
CA LEU A 156 18.16 -5.26 -4.66
C LEU A 156 17.70 -4.38 -5.81
N GLY A 157 17.14 -4.97 -6.87
CA GLY A 157 16.51 -4.20 -7.92
C GLY A 157 17.38 -3.86 -9.11
N GLY A 158 18.64 -4.29 -9.13
CA GLY A 158 19.52 -3.92 -10.22
C GLY A 158 19.53 -4.85 -11.42
N LYS A 159 18.74 -5.93 -11.41
CA LYS A 159 18.81 -6.92 -12.47
C LYS A 159 18.39 -6.34 -13.82
N ASP A 160 19.26 -6.49 -14.82
CA ASP A 160 18.99 -6.14 -16.22
C ASP A 160 18.63 -4.67 -16.39
N ARG A 161 19.15 -3.80 -15.52
CA ARG A 161 18.98 -2.37 -15.71
C ARG A 161 20.08 -1.65 -14.96
N THR A 162 20.28 -0.39 -15.33
CA THR A 162 21.33 0.43 -14.75
C THR A 162 20.82 1.65 -13.99
N HIS A 163 19.55 2.02 -14.16
CA HIS A 163 18.99 3.19 -13.49
C HIS A 163 17.59 2.90 -12.96
N ASN A 164 17.28 3.46 -11.80
CA ASN A 164 15.93 3.49 -11.24
C ASN A 164 15.38 2.11 -10.94
N GLY A 165 16.26 1.16 -10.62
CA GLY A 165 15.82 -0.16 -10.24
C GLY A 165 15.15 -0.15 -8.89
N GLN A 166 14.18 -1.06 -8.72
CA GLN A 166 13.44 -1.17 -7.48
CA GLN A 166 13.44 -1.17 -7.48
C GLN A 166 13.50 -2.61 -6.98
N PRO A 167 13.72 -2.80 -5.68
CA PRO A 167 13.81 -4.17 -5.13
C PRO A 167 12.63 -5.04 -5.55
N TYR A 168 12.94 -6.28 -5.94
CA TYR A 168 12.00 -7.33 -6.32
C TYR A 168 11.27 -7.03 -7.63
N GLU A 169 11.68 -6.00 -8.34
CA GLU A 169 11.13 -5.68 -9.66
C GLU A 169 11.18 -6.89 -10.58
N ASP A 170 10.12 -7.11 -11.34
CA ASP A 170 10.09 -8.22 -12.29
C ASP A 170 10.90 -7.86 -13.54
N TYR A 171 11.98 -8.61 -13.77
CA TYR A 171 12.81 -8.43 -14.96
C TYR A 171 12.57 -9.49 -16.01
N THR A 172 11.63 -10.41 -15.77
CA THR A 172 11.44 -11.57 -16.63
C THR A 172 10.49 -11.31 -17.77
N GLY A 173 9.82 -10.16 -17.79
CA GLY A 173 8.89 -9.85 -18.87
C GLY A 173 7.57 -10.59 -18.83
N TYR A 174 7.19 -11.17 -17.70
CA TYR A 174 5.88 -11.83 -17.64
C TYR A 174 4.76 -10.84 -17.96
N ARG A 175 3.81 -11.30 -18.76
CA ARG A 175 2.61 -10.53 -19.09
CA ARG A 175 2.62 -10.53 -19.08
C ARG A 175 1.44 -11.49 -19.05
N PRO A 176 0.38 -11.17 -18.33
CA PRO A 176 -0.83 -12.00 -18.43
C PRO A 176 -1.47 -11.78 -19.79
N VAL A 177 -2.25 -12.78 -20.23
CA VAL A 177 -3.04 -12.60 -21.44
C VAL A 177 -4.39 -11.97 -21.16
N ASN A 178 -4.78 -11.87 -19.90
CA ASN A 178 -5.98 -11.18 -19.48
C ASN A 178 -5.61 -9.89 -18.76
N THR A 179 -6.43 -8.86 -18.95
CA THR A 179 -6.37 -7.67 -18.12
C THR A 179 -7.37 -7.79 -16.99
N ALA A 180 -7.24 -6.90 -16.01
CA ALA A 180 -8.19 -6.87 -14.90
C ALA A 180 -9.61 -6.59 -15.38
N ASP A 181 -9.76 -6.01 -16.56
CA ASP A 181 -11.06 -5.61 -17.08
C ASP A 181 -11.65 -6.60 -18.08
N GLU A 182 -10.85 -7.51 -18.62
CA GLU A 182 -11.30 -8.37 -19.71
C GLU A 182 -10.72 -9.77 -19.54
N LEU A 183 -11.59 -10.77 -19.48
CA LEU A 183 -11.18 -12.16 -19.40
C LEU A 183 -11.13 -12.69 -20.82
N VAL A 184 -9.96 -12.59 -21.45
CA VAL A 184 -9.79 -13.04 -22.82
C VAL A 184 -9.69 -14.57 -22.87
N ASP A 185 -8.94 -15.16 -21.94
CA ASP A 185 -8.79 -16.61 -21.85
C ASP A 185 -9.23 -17.05 -20.47
N PRO A 186 -10.41 -17.66 -20.34
CA PRO A 186 -10.91 -18.01 -18.99
C PRO A 186 -10.11 -19.09 -18.30
N SER A 187 -9.13 -19.71 -18.96
CA SER A 187 -8.24 -20.68 -18.33
C SER A 187 -7.00 -20.05 -17.74
N ARG A 188 -6.75 -18.78 -18.02
CA ARG A 188 -5.48 -18.14 -17.71
C ARG A 188 -5.66 -17.11 -16.61
N TRP A 189 -4.57 -16.81 -15.92
CA TRP A 189 -4.64 -15.90 -14.79
C TRP A 189 -5.15 -14.54 -15.23
N GLN A 190 -6.01 -13.95 -14.42
CA GLN A 190 -6.48 -12.61 -14.63
C GLN A 190 -6.18 -11.78 -13.38
N PRO A 191 -5.48 -10.66 -13.51
CA PRO A 191 -5.21 -9.83 -12.32
C PRO A 191 -6.50 -9.32 -11.70
N ALA A 192 -6.52 -9.28 -10.38
CA ALA A 192 -7.65 -8.70 -9.68
C ALA A 192 -7.42 -7.20 -9.50
N VAL A 193 -8.52 -6.48 -9.35
CA VAL A 193 -8.49 -5.11 -8.88
C VAL A 193 -8.68 -5.14 -7.37
N GLU A 194 -7.78 -4.50 -6.65
CA GLU A 194 -7.85 -4.53 -5.19
C GLU A 194 -7.63 -3.13 -4.65
N PRO A 195 -8.18 -2.84 -3.47
CA PRO A 195 -7.84 -1.58 -2.81
C PRO A 195 -6.36 -1.57 -2.48
N HIS A 196 -5.79 -0.36 -2.38
CA HIS A 196 -4.36 -0.29 -2.09
C HIS A 196 -4.05 -0.89 -0.74
N ARG A 197 -4.90 -0.64 0.26
CA ARG A 197 -4.81 -1.37 1.51
C ARG A 197 -5.34 -2.77 1.26
N ARG A 198 -4.44 -3.70 0.95
CA ARG A 198 -4.78 -4.95 0.28
C ARG A 198 -4.74 -6.17 1.20
N ARG A 199 -4.47 -5.98 2.49
CA ARG A 199 -4.37 -7.12 3.38
C ARG A 199 -5.75 -7.52 3.89
N THR A 200 -5.82 -8.70 4.52
CA THR A 200 -7.08 -9.22 5.02
C THR A 200 -7.72 -8.26 6.02
N ASP A 201 -6.91 -7.63 6.87
CA ASP A 201 -7.41 -6.64 7.82
C ASP A 201 -7.24 -5.21 7.30
N GLY A 202 -7.22 -5.02 5.99
CA GLY A 202 -6.94 -3.72 5.42
C GLY A 202 -5.46 -3.51 5.24
N GLY A 203 -4.76 -3.23 6.34
CA GLY A 203 -3.31 -3.13 6.31
C GLY A 203 -2.83 -1.75 5.94
N PRO A 204 -1.50 -1.60 5.81
CA PRO A 204 -0.94 -0.29 5.48
C PRO A 204 -1.12 0.02 4.00
N GLY A 205 -1.36 1.29 3.71
CA GLY A 205 -1.54 1.72 2.34
C GLY A 205 -2.31 3.03 2.30
N ASP A 206 -2.75 3.37 1.10
CA ASP A 206 -3.31 4.68 0.80
C ASP A 206 -4.82 4.60 0.62
N LYS A 207 -5.53 5.45 1.34
CA LYS A 207 -6.99 5.48 1.29
C LYS A 207 -7.49 5.87 -0.10
N GLY A 208 -8.52 5.16 -0.56
CA GLY A 208 -9.20 5.52 -1.78
C GLY A 208 -8.48 5.20 -3.06
N ILE A 209 -7.41 4.41 -3.00
CA ILE A 209 -6.63 4.05 -4.18
C ILE A 209 -6.89 2.58 -4.49
N PHE A 210 -6.97 2.27 -5.77
CA PHE A 210 -7.10 0.88 -6.23
C PHE A 210 -5.97 0.58 -7.19
N THR A 211 -5.60 -0.69 -7.24
CA THR A 211 -4.53 -1.16 -8.12
C THR A 211 -4.98 -2.43 -8.82
N ALA A 212 -4.32 -2.71 -9.94
CA ALA A 212 -4.44 -4.00 -10.62
C ALA A 212 -3.25 -4.86 -10.20
N GLN A 213 -3.50 -6.15 -9.98
CA GLN A 213 -2.46 -7.02 -9.48
C GLN A 213 -1.35 -7.21 -10.52
N ARG A 214 -0.14 -7.42 -10.01
CA ARG A 214 1.01 -7.86 -10.78
C ARG A 214 1.48 -9.17 -10.17
N PHE A 215 1.82 -10.13 -11.04
CA PHE A 215 2.37 -11.41 -10.59
C PHE A 215 3.48 -11.17 -9.58
N ALA A 216 3.27 -11.64 -8.35
CA ALA A 216 4.26 -11.42 -7.28
C ALA A 216 5.55 -12.15 -7.61
N THR A 217 6.66 -11.39 -7.68
CA THR A 217 8.03 -11.88 -7.92
C THR A 217 8.05 -13.13 -8.79
N PRO A 218 7.60 -13.06 -10.05
CA PRO A 218 7.64 -14.25 -10.89
C PRO A 218 9.05 -14.82 -11.04
N GLN A 219 10.07 -13.96 -10.91
CA GLN A 219 11.46 -14.41 -10.99
C GLN A 219 11.81 -15.44 -9.93
N LEU A 220 11.01 -15.59 -8.86
CA LEU A 220 11.28 -16.61 -7.87
C LEU A 220 11.50 -17.98 -8.52
N GLY A 221 10.71 -18.29 -9.55
CA GLY A 221 10.89 -19.53 -10.30
C GLY A 221 12.25 -19.66 -10.95
N LEU A 222 13.01 -18.56 -11.04
CA LEU A 222 14.33 -18.58 -11.65
C LEU A 222 15.48 -18.61 -10.66
N VAL A 223 15.23 -18.41 -9.37
CA VAL A 223 16.36 -18.31 -8.45
C VAL A 223 16.96 -19.69 -8.22
N ALA A 224 18.27 -19.71 -7.97
CA ALA A 224 19.01 -20.94 -7.80
C ALA A 224 18.50 -21.70 -6.58
N PRO A 225 17.94 -22.89 -6.75
CA PRO A 225 17.43 -23.64 -5.59
C PRO A 225 18.58 -24.13 -4.72
N GLN A 226 18.21 -24.62 -3.55
CA GLN A 226 19.20 -25.07 -2.58
C GLN A 226 19.62 -26.52 -2.82
N THR A 227 18.68 -27.38 -3.22
CA THR A 227 18.95 -28.81 -3.33
C THR A 227 18.86 -29.37 -4.74
N TYR A 228 18.51 -28.55 -5.73
CA TYR A 228 18.46 -28.98 -7.12
C TYR A 228 18.77 -27.78 -7.99
N ARG A 229 18.76 -27.98 -9.30
CA ARG A 229 19.09 -26.90 -10.22
C ARG A 229 17.93 -26.42 -11.08
N ASP A 230 17.12 -27.33 -11.60
CA ASP A 230 16.09 -26.96 -12.57
C ASP A 230 14.72 -27.37 -12.07
N PRO A 231 13.84 -26.42 -11.71
CA PRO A 231 12.51 -26.81 -11.21
C PRO A 231 11.65 -27.52 -12.23
N ALA A 232 11.95 -27.39 -13.53
CA ALA A 232 11.17 -28.09 -14.54
C ALA A 232 11.30 -29.60 -14.42
N ARG A 233 12.35 -30.10 -13.76
CA ARG A 233 12.51 -31.54 -13.62
C ARG A 233 11.50 -32.14 -12.66
N PHE A 234 10.81 -31.32 -11.86
CA PHE A 234 9.75 -31.79 -10.98
C PHE A 234 8.44 -31.61 -11.74
N LYS A 235 7.99 -32.67 -12.40
CA LYS A 235 6.84 -32.56 -13.28
C LYS A 235 5.56 -32.35 -12.49
N LEU A 236 4.66 -31.56 -13.05
CA LEU A 236 3.37 -31.26 -12.47
C LEU A 236 2.30 -31.41 -13.54
N ALA A 237 1.28 -32.21 -13.26
CA ALA A 237 0.25 -32.48 -14.25
C ALA A 237 -0.47 -31.19 -14.64
N ALA A 238 -0.98 -31.16 -15.87
CA ALA A 238 -1.68 -29.98 -16.35
C ALA A 238 -2.98 -29.79 -15.57
N PRO A 239 -3.40 -28.53 -15.37
CA PRO A 239 -4.66 -28.27 -14.63
C PRO A 239 -5.90 -28.44 -15.52
N ASP A 240 -6.13 -29.68 -15.97
CA ASP A 240 -7.23 -29.95 -16.88
C ASP A 240 -8.59 -29.63 -16.27
N HIS A 241 -8.70 -29.63 -14.95
CA HIS A 241 -9.96 -29.27 -14.30
C HIS A 241 -10.34 -27.82 -14.52
N LEU A 242 -9.44 -27.00 -15.07
CA LEU A 242 -9.70 -25.58 -15.27
C LEU A 242 -9.63 -25.20 -16.74
N ASP A 243 -9.68 -26.17 -17.64
CA ASP A 243 -9.83 -25.91 -19.07
C ASP A 243 -11.26 -25.47 -19.34
N HIS A 244 -11.44 -24.20 -19.70
CA HIS A 244 -12.78 -23.67 -19.91
C HIS A 244 -13.48 -24.33 -21.08
N ASN A 245 -12.75 -24.97 -21.99
CA ASN A 245 -13.36 -25.70 -23.09
C ASN A 245 -14.06 -26.97 -22.60
N ASP A 246 -13.68 -27.49 -21.43
CA ASP A 246 -14.43 -28.55 -20.75
C ASP A 246 -15.37 -27.87 -19.76
N ALA A 247 -16.47 -27.36 -20.30
CA ALA A 247 -17.35 -26.49 -19.51
C ALA A 247 -17.90 -27.19 -18.28
N GLY A 248 -18.16 -28.50 -18.38
CA GLY A 248 -18.70 -29.23 -17.25
C GLY A 248 -17.70 -29.34 -16.11
N ALA A 249 -16.45 -29.67 -16.43
CA ALA A 249 -15.43 -29.76 -15.38
C ALA A 249 -15.12 -28.38 -14.81
N TYR A 250 -15.05 -27.36 -15.68
CA TYR A 250 -14.79 -26.00 -15.23
C TYR A 250 -15.87 -25.53 -14.27
N ARG A 251 -17.14 -25.75 -14.63
CA ARG A 251 -18.24 -25.35 -13.77
C ARG A 251 -18.24 -26.13 -12.45
N GLN A 252 -17.89 -27.41 -12.50
CA GLN A 252 -17.83 -28.19 -11.26
C GLN A 252 -16.77 -27.63 -10.32
N ALA A 253 -15.60 -27.26 -10.84
CA ALA A 253 -14.56 -26.67 -10.01
C ALA A 253 -15.02 -25.36 -9.42
N VAL A 254 -15.76 -24.56 -10.20
CA VAL A 254 -16.32 -23.30 -9.70
C VAL A 254 -17.32 -23.59 -8.59
N ASP A 255 -18.23 -24.53 -8.82
CA ASP A 255 -19.30 -24.78 -7.85
C ASP A 255 -18.75 -25.28 -6.53
N GLU A 256 -17.65 -26.02 -6.56
CA GLU A 256 -17.02 -26.45 -5.32
C GLU A 256 -16.49 -25.26 -4.53
N VAL A 257 -15.94 -24.26 -5.23
CA VAL A 257 -15.48 -23.06 -4.55
C VAL A 257 -16.65 -22.29 -3.95
N LEU A 258 -17.75 -22.19 -4.71
CA LEU A 258 -18.93 -21.50 -4.17
C LEU A 258 -19.54 -22.26 -3.01
N ALA A 259 -19.55 -23.59 -3.08
CA ALA A 259 -20.08 -24.39 -1.98
C ALA A 259 -19.22 -24.22 -0.73
N ALA A 260 -17.90 -24.20 -0.90
CA ALA A 260 -17.03 -23.89 0.24
C ALA A 260 -17.34 -22.50 0.79
N SER A 261 -17.57 -21.54 -0.10
CA SER A 261 -17.92 -20.19 0.34
C SER A 261 -19.24 -20.20 1.11
N ALA A 262 -20.24 -20.91 0.59
CA ALA A 262 -21.55 -20.98 1.24
C ALA A 262 -21.47 -21.69 2.59
N GLY A 263 -20.55 -22.63 2.74
CA GLY A 263 -20.48 -23.42 3.96
C GLY A 263 -19.58 -22.90 5.06
N LEU A 264 -19.04 -21.68 4.94
CA LEU A 264 -18.03 -21.21 5.88
C LEU A 264 -18.55 -21.15 7.31
N THR A 265 -17.76 -21.69 8.23
CA THR A 265 -17.99 -21.58 9.66
C THR A 265 -16.92 -20.68 10.27
N ASP A 266 -17.10 -20.33 11.54
CA ASP A 266 -16.06 -19.58 12.25
C ASP A 266 -14.72 -20.30 12.13
N GLU A 267 -14.72 -21.62 12.37
CA GLU A 267 -13.47 -22.37 12.37
C GLU A 267 -12.81 -22.36 10.99
N GLN A 268 -13.60 -22.50 9.93
CA GLN A 268 -13.02 -22.48 8.59
C GLN A 268 -12.51 -21.11 8.22
N LYS A 269 -13.22 -20.05 8.63
CA LYS A 269 -12.77 -18.69 8.39
C LYS A 269 -11.44 -18.43 9.07
N VAL A 270 -11.32 -18.82 10.35
CA VAL A 270 -10.08 -18.58 11.08
C VAL A 270 -8.95 -19.40 10.49
N LYS A 271 -9.24 -20.65 10.10
CA LYS A 271 -8.21 -21.47 9.47
C LYS A 271 -7.81 -20.93 8.10
N ALA A 272 -8.75 -20.34 7.35
CA ALA A 272 -8.37 -19.68 6.11
C ALA A 272 -7.36 -18.58 6.38
N GLU A 273 -7.64 -17.71 7.36
CA GLU A 273 -6.69 -16.66 7.73
C GLU A 273 -5.41 -17.24 8.30
N PHE A 274 -5.52 -18.30 9.12
CA PHE A 274 -4.37 -18.84 9.80
C PHE A 274 -3.32 -19.36 8.81
N PHE A 275 -3.74 -20.19 7.86
CA PHE A 275 -2.78 -20.84 6.97
C PHE A 275 -2.24 -19.90 5.90
N GLU A 276 -2.84 -18.74 5.71
CA GLU A 276 -2.30 -17.73 4.81
C GLU A 276 -1.37 -16.76 5.53
N HIS A 277 -1.23 -16.91 6.84
CA HIS A 277 -0.51 -15.95 7.68
C HIS A 277 0.91 -16.48 7.91
N THR A 278 1.80 -16.19 6.97
CA THR A 278 3.15 -16.76 6.99
C THR A 278 3.93 -16.58 8.29
N PRO A 279 3.95 -15.42 8.95
CA PRO A 279 4.74 -15.30 10.19
C PRO A 279 4.19 -16.14 11.32
N LEU A 280 2.98 -16.68 11.19
CA LEU A 280 2.37 -17.52 12.20
C LEU A 280 2.38 -18.99 11.77
N SER A 281 1.54 -19.36 10.81
CA SER A 281 1.37 -20.78 10.48
C SER A 281 2.65 -21.38 9.88
N VAL A 282 3.34 -20.63 9.05
CA VAL A 282 4.50 -21.17 8.36
C VAL A 282 5.75 -21.10 9.22
N THR A 283 5.99 -19.95 9.84
CA THR A 283 7.22 -19.75 10.61
C THR A 283 7.19 -20.53 11.92
N LEU A 284 6.02 -20.61 12.58
CA LEU A 284 5.97 -21.09 13.94
C LEU A 284 5.53 -22.55 14.07
N SER A 285 5.10 -23.20 12.98
CA SER A 285 4.88 -24.64 13.07
C SER A 285 6.17 -25.41 13.33
N PRO A 286 7.34 -25.05 12.76
CA PRO A 286 8.58 -25.71 13.22
C PRO A 286 8.88 -25.45 14.68
N ARG A 287 8.52 -24.28 15.21
CA ARG A 287 8.69 -24.05 16.64
C ARG A 287 7.87 -25.06 17.45
N ALA A 288 6.60 -25.23 17.08
CA ALA A 288 5.73 -26.17 17.78
C ALA A 288 6.29 -27.60 17.70
N ALA A 289 6.75 -28.00 16.52
CA ALA A 289 7.34 -29.33 16.37
C ALA A 289 8.58 -29.48 17.23
N ALA A 290 9.44 -28.46 17.26
CA ALA A 290 10.65 -28.52 18.07
C ALA A 290 10.30 -28.63 19.56
N MET A 291 9.32 -27.85 20.01
CA MET A 291 8.91 -27.91 21.42
CA MET A 291 8.96 -27.91 21.43
C MET A 291 8.41 -29.29 21.81
N ALA A 292 7.83 -30.01 20.86
CA ALA A 292 7.31 -31.35 21.14
C ALA A 292 8.37 -32.43 21.09
N HIS A 293 9.61 -32.11 20.70
CA HIS A 293 10.64 -33.12 20.48
C HIS A 293 11.93 -32.92 21.29
N ASP A 294 11.95 -31.99 22.24
CA ASP A 294 13.07 -31.86 23.18
C ASP A 294 14.42 -31.70 22.47
N LEU A 295 14.49 -30.75 21.56
CA LEU A 295 15.71 -30.48 20.83
C LEU A 295 16.59 -29.48 21.58
N ASP A 296 17.91 -29.65 21.47
CA ASP A 296 18.83 -28.65 21.98
C ASP A 296 18.99 -27.54 20.94
N LEU A 297 19.86 -26.57 21.24
CA LEU A 297 20.00 -25.41 20.35
C LEU A 297 20.40 -25.84 18.95
N ASP A 298 21.38 -26.75 18.84
CA ASP A 298 21.76 -27.27 17.53
C ASP A 298 20.56 -27.89 16.80
N GLY A 299 19.76 -28.68 17.51
CA GLY A 299 18.61 -29.31 16.90
C GLY A 299 17.60 -28.32 16.37
N TRP A 300 17.43 -27.19 17.07
CA TRP A 300 16.52 -26.15 16.58
C TRP A 300 17.05 -25.55 15.27
N ALA A 301 18.32 -25.18 15.23
CA ALA A 301 18.88 -24.59 14.01
C ALA A 301 18.79 -25.56 12.85
N GLN A 302 19.05 -26.84 13.11
CA GLN A 302 18.97 -27.85 12.06
C GLN A 302 17.54 -28.06 11.58
N LEU A 303 16.59 -28.17 12.53
CA LEU A 303 15.20 -28.33 12.14
C LEU A 303 14.72 -27.13 11.33
N PHE A 304 15.03 -25.92 11.78
CA PHE A 304 14.56 -24.74 11.05
C PHE A 304 15.22 -24.67 9.67
N LEU A 305 16.49 -25.06 9.56
CA LEU A 305 17.12 -25.06 8.25
C LEU A 305 16.47 -26.07 7.32
N VAL A 306 16.18 -27.28 7.82
CA VAL A 306 15.57 -28.28 6.95
C VAL A 306 14.18 -27.83 6.50
N CYS A 307 13.40 -27.23 7.42
CA CYS A 307 12.09 -26.73 7.05
C CYS A 307 12.20 -25.59 6.06
N SER A 308 13.06 -24.61 6.33
CA SER A 308 13.20 -23.47 5.44
C SER A 308 13.72 -23.89 4.07
N THR A 309 14.69 -24.81 4.03
CA THR A 309 15.16 -25.31 2.75
C THR A 309 14.03 -25.96 1.97
N ALA A 310 13.19 -26.74 2.66
CA ALA A 310 12.05 -27.36 1.99
C ALA A 310 11.09 -26.31 1.46
N ARG A 311 10.80 -25.27 2.25
CA ARG A 311 9.92 -24.20 1.77
C ARG A 311 10.54 -23.50 0.56
N PHE A 312 11.82 -23.13 0.69
CA PHE A 312 12.53 -22.40 -0.36
C PHE A 312 12.49 -23.15 -1.68
N ASP A 313 12.91 -24.41 -1.67
CA ASP A 313 13.01 -25.16 -2.92
C ASP A 313 11.64 -25.53 -3.46
N SER A 314 10.68 -25.84 -2.59
CA SER A 314 9.36 -26.19 -3.09
C SER A 314 8.64 -24.99 -3.68
N LEU A 315 8.83 -23.80 -3.08
CA LEU A 315 8.15 -22.62 -3.59
C LEU A 315 8.75 -22.16 -4.92
N ILE A 316 10.05 -22.31 -5.10
CA ILE A 316 10.66 -22.05 -6.40
C ILE A 316 10.01 -22.91 -7.46
N ALA A 317 9.86 -24.21 -7.17
CA ALA A 317 9.21 -25.11 -8.10
C ALA A 317 7.74 -24.74 -8.30
N ALA A 318 7.05 -24.39 -7.22
CA ALA A 318 5.67 -23.96 -7.35
C ALA A 318 5.56 -22.70 -8.19
N TRP A 319 6.48 -21.74 -7.99
CA TRP A 319 6.44 -20.51 -8.76
C TRP A 319 6.80 -20.76 -10.22
N HIS A 320 7.71 -21.70 -10.47
CA HIS A 320 8.02 -22.07 -11.85
C HIS A 320 6.77 -22.57 -12.56
N HIS A 321 6.03 -23.47 -11.91
CA HIS A 321 4.82 -24.01 -12.54
C HIS A 321 3.69 -22.98 -12.54
N LYS A 322 3.62 -22.12 -11.52
CA LYS A 322 2.62 -21.04 -11.55
C LYS A 322 2.74 -20.24 -12.84
N ARG A 323 3.97 -19.90 -13.23
CA ARG A 323 4.20 -19.13 -14.43
C ARG A 323 4.00 -19.97 -15.68
N ALA A 324 4.47 -21.22 -15.66
CA ALA A 324 4.35 -22.08 -16.83
C ALA A 324 2.89 -22.36 -17.17
N TYR A 325 2.08 -22.67 -16.16
CA TYR A 325 0.66 -22.92 -16.41
C TYR A 325 -0.20 -21.66 -16.43
N ASP A 326 0.13 -20.66 -15.62
CA ASP A 326 -0.49 -19.33 -15.69
C ASP A 326 -2.01 -19.43 -15.57
N THR A 327 -2.48 -20.08 -14.50
CA THR A 327 -3.85 -20.55 -14.43
C THR A 327 -4.79 -19.54 -13.75
N VAL A 328 -6.03 -19.52 -14.24
CA VAL A 328 -7.05 -18.61 -13.74
C VAL A 328 -7.37 -18.85 -12.26
N ARG A 329 -7.67 -17.77 -11.55
CA ARG A 329 -8.10 -17.82 -10.15
C ARG A 329 -9.61 -17.98 -10.05
N PRO A 330 -10.13 -18.40 -8.90
CA PRO A 330 -11.58 -18.67 -8.79
C PRO A 330 -12.48 -17.49 -9.09
N PHE A 331 -12.14 -16.28 -8.65
CA PHE A 331 -13.07 -15.15 -8.84
C PHE A 331 -13.35 -14.93 -10.33
N SER A 332 -12.33 -15.05 -11.17
CA SER A 332 -12.55 -14.93 -12.62
C SER A 332 -13.38 -16.09 -13.15
N ALA A 333 -13.15 -17.30 -12.63
CA ALA A 333 -13.91 -18.45 -13.11
C ALA A 333 -15.37 -18.38 -12.66
N VAL A 334 -15.61 -17.92 -11.44
CA VAL A 334 -16.97 -17.71 -10.97
C VAL A 334 -17.71 -16.74 -11.88
N ARG A 335 -17.07 -15.63 -12.25
CA ARG A 335 -17.69 -14.69 -13.16
CA ARG A 335 -17.68 -14.68 -13.17
C ARG A 335 -17.89 -15.29 -14.55
N HIS A 336 -16.93 -16.10 -15.01
CA HIS A 336 -17.04 -16.67 -16.34
C HIS A 336 -18.25 -17.60 -16.45
N VAL A 337 -18.47 -18.44 -15.43
CA VAL A 337 -19.54 -19.42 -15.50
C VAL A 337 -20.91 -18.75 -15.33
N TYR A 338 -21.02 -17.82 -14.40
CA TYR A 338 -22.32 -17.32 -13.98
C TYR A 338 -22.60 -15.86 -14.34
N GLY A 339 -21.59 -15.10 -14.76
CA GLY A 339 -21.82 -13.71 -15.12
C GLY A 339 -22.35 -12.90 -13.96
N SER A 340 -23.53 -12.31 -14.12
CA SER A 340 -24.18 -11.55 -13.08
C SER A 340 -25.24 -12.35 -12.33
N LYS A 341 -25.45 -13.61 -12.69
CA LYS A 341 -26.51 -14.40 -12.09
C LYS A 341 -26.23 -14.64 -10.61
N PRO A 342 -27.29 -14.71 -9.80
CA PRO A 342 -27.08 -14.92 -8.35
C PRO A 342 -26.63 -16.35 -8.06
N VAL A 343 -25.77 -16.47 -7.06
CA VAL A 343 -25.28 -17.76 -6.58
C VAL A 343 -25.45 -17.81 -5.07
N THR A 344 -25.32 -19.00 -4.53
CA THR A 344 -25.37 -19.22 -3.09
C THR A 344 -23.95 -19.31 -2.55
N ALA A 345 -23.56 -18.36 -1.72
CA ALA A 345 -22.19 -18.26 -1.24
C ALA A 345 -22.14 -17.22 -0.13
N TRP A 346 -20.93 -17.01 0.40
CA TRP A 346 -20.72 -15.93 1.34
C TRP A 346 -21.12 -14.61 0.71
N GLY A 347 -21.89 -13.82 1.46
CA GLY A 347 -22.34 -12.53 0.98
C GLY A 347 -21.40 -11.38 1.24
N GLY A 348 -20.33 -11.62 1.98
CA GLY A 348 -19.44 -10.55 2.35
C GLY A 348 -19.48 -10.27 3.83
N PRO A 349 -18.66 -9.31 4.29
CA PRO A 349 -18.53 -9.06 5.73
C PRO A 349 -19.88 -8.80 6.38
N GLY A 350 -20.14 -9.50 7.49
CA GLY A 350 -21.36 -9.34 8.24
C GLY A 350 -22.60 -9.94 7.62
N LYS A 351 -22.49 -10.60 6.47
CA LYS A 351 -23.67 -11.06 5.75
C LYS A 351 -23.94 -12.55 5.89
N GLY A 352 -22.93 -13.34 6.27
CA GLY A 352 -23.11 -14.77 6.28
C GLY A 352 -23.40 -15.28 4.87
N THR A 353 -23.96 -16.49 4.82
CA THR A 353 -24.32 -17.10 3.55
C THR A 353 -25.62 -16.48 3.03
N VAL A 354 -25.62 -16.09 1.76
CA VAL A 354 -26.81 -15.54 1.13
C VAL A 354 -27.11 -16.35 -0.12
N GLU A 355 -28.38 -16.35 -0.51
CA GLU A 355 -28.84 -17.15 -1.64
C GLU A 355 -28.66 -16.45 -2.97
N SER A 356 -28.52 -15.12 -2.98
CA SER A 356 -28.56 -14.36 -4.22
C SER A 356 -27.55 -13.22 -4.21
N ILE A 357 -26.28 -13.56 -4.08
CA ILE A 357 -25.18 -12.63 -4.37
C ILE A 357 -24.83 -12.80 -5.85
N PRO A 358 -24.87 -11.72 -6.65
CA PRO A 358 -24.45 -11.84 -8.04
C PRO A 358 -23.04 -12.39 -8.14
N ALA A 359 -22.84 -13.29 -9.11
CA ALA A 359 -21.55 -13.96 -9.23
C ALA A 359 -20.42 -12.95 -9.45
N ASP A 360 -20.70 -11.88 -10.21
CA ASP A 360 -19.68 -10.86 -10.47
C ASP A 360 -19.47 -9.90 -9.30
N GLU A 361 -20.16 -10.13 -8.18
CA GLU A 361 -19.87 -9.41 -6.95
C GLU A 361 -19.33 -10.34 -5.86
N TRP A 362 -19.19 -11.63 -6.17
CA TRP A 362 -18.64 -12.59 -5.22
C TRP A 362 -17.15 -12.37 -5.03
N THR A 363 -16.69 -12.62 -3.81
CA THR A 363 -15.27 -12.61 -3.52
C THR A 363 -14.96 -13.73 -2.54
N GLY A 364 -13.75 -14.26 -2.65
CA GLY A 364 -13.28 -15.20 -1.65
C GLY A 364 -13.23 -14.58 -0.27
N TYR A 365 -13.23 -15.44 0.76
CA TYR A 365 -13.17 -14.92 2.12
C TYR A 365 -11.93 -14.05 2.33
N LEU A 366 -10.81 -14.46 1.74
CA LEU A 366 -9.59 -13.67 1.84
C LEU A 366 -9.30 -13.01 0.49
N PRO A 367 -8.63 -11.86 0.49
CA PRO A 367 -8.22 -11.27 -0.79
C PRO A 367 -7.35 -12.23 -1.57
N VAL A 368 -7.69 -12.43 -2.85
CA VAL A 368 -7.04 -13.43 -3.67
C VAL A 368 -5.58 -13.04 -3.89
N GLY A 369 -4.69 -14.03 -3.83
CA GLY A 369 -3.28 -13.76 -4.01
C GLY A 369 -2.96 -13.27 -5.41
N ASN A 370 -1.91 -12.45 -5.51
CA ASN A 370 -1.55 -11.81 -6.77
C ASN A 370 -0.56 -12.67 -7.56
N HIS A 371 -1.00 -13.87 -7.92
CA HIS A 371 -0.23 -14.75 -8.79
C HIS A 371 -1.17 -15.83 -9.33
N PRO A 372 -0.79 -16.49 -10.42
CA PRO A 372 -1.65 -17.55 -10.99
C PRO A 372 -1.96 -18.65 -9.99
N GLU A 373 -2.99 -19.44 -10.32
CA GLU A 373 -3.67 -20.30 -9.35
C GLU A 373 -2.99 -21.64 -9.12
N TYR A 374 -2.20 -22.14 -10.08
CA TYR A 374 -1.83 -23.55 -10.10
C TYR A 374 -0.32 -23.72 -10.22
N PRO A 375 0.35 -24.36 -9.25
CA PRO A 375 -0.22 -24.92 -8.02
C PRO A 375 -0.40 -23.93 -6.88
N SER A 376 -0.88 -24.39 -5.73
CA SER A 376 -0.99 -23.54 -4.55
C SER A 376 0.40 -23.40 -3.91
N GLY A 377 0.84 -22.16 -3.73
CA GLY A 377 2.12 -21.93 -3.08
C GLY A 377 2.13 -22.37 -1.63
N PHE A 378 1.12 -21.93 -0.87
CA PHE A 378 1.03 -22.30 0.54
C PHE A 378 0.93 -23.80 0.72
N THR A 379 0.13 -24.48 -0.10
CA THR A 379 -0.08 -25.91 0.09
C THR A 379 1.17 -26.70 -0.27
N THR A 380 1.80 -26.35 -1.39
CA THR A 380 3.06 -26.99 -1.76
C THR A 380 4.10 -26.79 -0.66
N LEU A 381 4.22 -25.56 -0.18
CA LEU A 381 5.25 -25.21 0.81
C LEU A 381 5.03 -25.95 2.11
N ILE A 382 3.78 -26.01 2.58
CA ILE A 382 3.50 -26.66 3.86
C ILE A 382 3.70 -28.18 3.74
N ALA A 383 3.31 -28.76 2.60
CA ALA A 383 3.55 -30.18 2.39
C ALA A 383 5.05 -30.48 2.38
N ALA A 384 5.84 -29.60 1.78
CA ALA A 384 7.29 -29.79 1.81
C ALA A 384 7.82 -29.63 3.22
N GLN A 385 7.37 -28.61 3.94
CA GLN A 385 7.83 -28.38 5.31
C GLN A 385 7.41 -29.51 6.23
N ALA A 386 6.18 -30.02 6.06
CA ALA A 386 5.72 -31.13 6.88
C ALA A 386 6.59 -32.36 6.66
N GLN A 387 6.95 -32.63 5.41
CA GLN A 387 7.80 -33.80 5.13
C GLN A 387 9.20 -33.59 5.67
N ALA A 388 9.75 -32.38 5.54
CA ALA A 388 11.07 -32.10 6.08
C ALA A 388 11.11 -32.32 7.59
N ALA A 389 10.10 -31.80 8.30
CA ALA A 389 10.07 -31.97 9.75
C ALA A 389 9.86 -33.44 10.12
N ARG A 390 8.98 -34.14 9.38
CA ARG A 390 8.82 -35.58 9.57
C ARG A 390 10.15 -36.30 9.50
N SER A 391 10.89 -36.07 8.41
CA SER A 391 12.13 -36.80 8.19
C SER A 391 13.16 -36.46 9.25
N PHE A 392 13.27 -35.18 9.59
CA PHE A 392 14.29 -34.77 10.57
C PHE A 392 13.93 -35.23 11.98
N LEU A 393 12.68 -35.07 12.38
CA LEU A 393 12.30 -35.38 13.76
C LEU A 393 11.98 -36.86 13.97
N GLY A 394 11.75 -37.61 12.89
CA GLY A 394 11.54 -39.04 13.00
C GLY A 394 10.10 -39.47 13.19
N ASP A 395 9.17 -38.53 13.38
CA ASP A 395 7.76 -38.86 13.49
C ASP A 395 6.92 -37.69 13.00
N ASP A 396 5.61 -37.89 12.98
CA ASP A 396 4.66 -36.91 12.46
C ASP A 396 4.10 -35.99 13.53
N VAL A 397 4.67 -36.03 14.74
CA VAL A 397 4.06 -35.32 15.87
C VAL A 397 4.28 -33.82 15.73
N LEU A 398 3.20 -33.06 15.90
CA LEU A 398 3.26 -31.60 15.88
C LEU A 398 2.76 -31.00 17.19
N ASN A 399 1.55 -31.38 17.62
CA ASN A 399 1.00 -30.98 18.91
C ASN A 399 1.02 -29.46 19.08
N TRP A 400 0.41 -28.78 18.12
CA TRP A 400 0.36 -27.32 18.12
C TRP A 400 -1.07 -26.91 18.41
N THR A 401 -1.25 -26.16 19.50
CA THR A 401 -2.52 -25.53 19.82
C THR A 401 -2.32 -24.02 19.78
N HIS A 402 -3.19 -23.33 19.06
CA HIS A 402 -3.13 -21.88 18.97
C HIS A 402 -4.50 -21.29 19.26
N ALA A 403 -4.53 -20.23 20.04
CA ALA A 403 -5.78 -19.64 20.50
C ALA A 403 -6.14 -18.43 19.65
N PHE A 404 -7.44 -18.28 19.40
CA PHE A 404 -7.97 -17.11 18.70
C PHE A 404 -9.11 -16.53 19.52
N PRO A 405 -8.86 -15.44 20.26
CA PRO A 405 -9.96 -14.83 21.05
C PRO A 405 -11.13 -14.44 20.18
N ALA A 406 -12.30 -14.36 20.81
CA ALA A 406 -13.51 -13.92 20.13
C ALA A 406 -13.25 -12.60 19.42
N GLY A 407 -13.68 -12.52 18.16
CA GLY A 407 -13.55 -11.31 17.37
C GLY A 407 -12.16 -11.01 16.86
N SER A 408 -11.19 -11.89 17.07
CA SER A 408 -9.83 -11.63 16.63
C SER A 408 -9.61 -11.93 15.15
N GLY A 409 -10.63 -12.41 14.45
CA GLY A 409 -10.49 -12.60 13.01
C GLY A 409 -10.20 -11.28 12.30
N GLN A 410 -9.36 -11.34 11.29
CA GLN A 410 -8.96 -10.11 10.59
C GLN A 410 -9.97 -9.71 9.53
N ARG A 411 -10.65 -10.67 8.91
CA ARG A 411 -11.60 -10.32 7.85
C ARG A 411 -12.89 -9.74 8.42
N GLU A 412 -13.37 -10.26 9.53
CA GLU A 412 -14.61 -9.79 10.16
C GLU A 412 -14.34 -9.51 11.63
N PRO A 413 -13.57 -8.47 11.94
CA PRO A 413 -13.17 -8.23 13.32
C PRO A 413 -14.39 -7.93 14.19
N GLY A 414 -14.32 -8.40 15.44
CA GLY A 414 -15.42 -8.25 16.38
C GLY A 414 -16.52 -9.27 16.24
N ALA A 415 -16.65 -9.93 15.09
CA ALA A 415 -17.69 -10.93 14.87
C ALA A 415 -17.17 -12.35 14.75
N VAL A 416 -15.95 -12.54 14.25
CA VAL A 416 -15.39 -13.86 13.96
C VAL A 416 -14.07 -13.99 14.70
N PRO A 417 -13.84 -15.05 15.46
CA PRO A 417 -14.84 -16.08 15.78
C PRO A 417 -15.84 -15.53 16.79
N ALA A 418 -17.04 -16.13 16.84
CA ALA A 418 -18.07 -15.64 17.75
C ALA A 418 -17.67 -15.81 19.21
N SER A 419 -16.88 -16.83 19.52
CA SER A 419 -16.37 -17.03 20.87
C SER A 419 -14.91 -17.44 20.77
N ASP A 420 -14.23 -17.42 21.92
CA ASP A 420 -12.84 -17.83 21.98
C ASP A 420 -12.69 -19.19 21.31
N LEU A 421 -11.62 -19.35 20.56
CA LEU A 421 -11.41 -20.55 19.74
C LEU A 421 -10.00 -21.05 19.95
N GLU A 422 -9.87 -22.36 20.12
CA GLU A 422 -8.56 -23.01 20.17
C GLU A 422 -8.51 -24.03 19.04
N LEU A 423 -7.52 -23.88 18.17
CA LEU A 423 -7.29 -24.85 17.10
C LEU A 423 -6.08 -25.69 17.45
N THR A 424 -6.19 -26.99 17.23
CA THR A 424 -5.14 -27.94 17.57
C THR A 424 -4.86 -28.83 16.37
N TRP A 425 -3.58 -29.08 16.12
CA TRP A 425 -3.12 -30.04 15.13
C TRP A 425 -2.16 -30.99 15.83
N ALA A 426 -2.56 -32.26 15.96
CA ALA A 426 -1.70 -33.24 16.61
C ALA A 426 -0.54 -33.64 15.70
N THR A 427 -0.75 -33.67 14.40
CA THR A 427 0.24 -34.17 13.46
C THR A 427 0.43 -33.18 12.31
N TRP A 428 1.59 -33.28 11.66
CA TRP A 428 1.81 -32.52 10.43
C TRP A 428 0.80 -32.92 9.36
N THR A 429 0.38 -34.18 9.35
CA THR A 429 -0.61 -34.63 8.36
C THR A 429 -1.91 -33.87 8.52
N ASP A 430 -2.42 -33.75 9.75
CA ASP A 430 -3.60 -32.93 9.99
C ASP A 430 -3.33 -31.48 9.56
N PHE A 431 -2.13 -31.00 9.85
CA PHE A 431 -1.78 -29.61 9.56
C PHE A 431 -1.79 -29.34 8.06
N GLU A 432 -1.12 -30.19 7.28
CA GLU A 432 -1.04 -29.95 5.85
C GLU A 432 -2.37 -30.19 5.16
N ASN A 433 -3.17 -31.14 5.63
CA ASN A 433 -4.49 -31.36 5.06
C ASN A 433 -5.40 -30.16 5.33
N ASP A 434 -5.33 -29.59 6.54
CA ASP A 434 -6.10 -28.39 6.82
C ASP A 434 -5.65 -27.22 5.96
N CYS A 435 -4.34 -27.10 5.72
CA CYS A 435 -3.84 -26.01 4.89
C CYS A 435 -4.43 -26.08 3.48
N ALA A 436 -4.38 -27.27 2.87
CA ALA A 436 -4.91 -27.43 1.52
C ALA A 436 -6.39 -27.07 1.44
N THR A 437 -7.20 -27.62 2.35
CA THR A 437 -8.62 -27.34 2.31
C THR A 437 -8.91 -25.87 2.65
N SER A 438 -8.08 -25.26 3.50
CA SER A 438 -8.31 -23.87 3.87
C SER A 438 -8.11 -22.93 2.68
N ARG A 439 -7.28 -23.33 1.71
CA ARG A 439 -7.13 -22.52 0.52
C ARG A 439 -8.43 -22.46 -0.28
N VAL A 440 -9.25 -23.50 -0.20
CA VAL A 440 -10.57 -23.45 -0.83
C VAL A 440 -11.53 -22.62 0.01
N TRP A 441 -11.49 -22.78 1.33
CA TRP A 441 -12.28 -21.93 2.21
C TRP A 441 -11.96 -20.46 1.97
N ALA A 442 -10.68 -20.13 1.74
CA ALA A 442 -10.28 -18.76 1.45
C ALA A 442 -10.81 -18.27 0.11
N GLY A 443 -11.28 -19.16 -0.75
CA GLY A 443 -11.65 -18.77 -2.09
C GLY A 443 -10.48 -18.54 -3.03
N ALA A 444 -9.28 -18.89 -2.61
CA ALA A 444 -8.08 -18.59 -3.39
C ALA A 444 -7.77 -19.69 -4.40
N NEP A 445 -8.18 -20.92 -4.07
CA NEP A 445 -7.81 -22.09 -4.87
C NEP A 445 -8.96 -23.07 -5.10
O NEP A 445 -9.88 -23.18 -4.33
CB NEP A 445 -6.65 -22.82 -4.20
CG NEP A 445 -5.35 -22.12 -4.34
ND1 NEP A 445 -4.73 -22.01 -5.58
CD2 NEP A 445 -4.59 -21.49 -3.40
CE1 NEP A 445 -3.63 -21.33 -5.36
NE2 NEP A 445 -3.45 -20.98 -4.04
P NEP A 445 -2.15 -20.16 -3.38
O1P NEP A 445 -2.69 -18.70 -3.10
O2P NEP A 445 -0.89 -20.04 -4.12
O3P NEP A 445 -1.86 -20.76 -1.95
N PHE A 446 -8.87 -23.80 -6.21
CA PHE A 446 -9.84 -24.86 -6.51
C PHE A 446 -9.45 -26.13 -5.76
N THR A 447 -10.43 -27.01 -5.53
CA THR A 447 -10.19 -28.20 -4.71
C THR A 447 -9.11 -29.09 -5.31
N LYS A 448 -9.16 -29.30 -6.62
CA LYS A 448 -8.18 -30.18 -7.27
C LYS A 448 -6.79 -29.57 -7.23
N THR A 449 -6.69 -28.24 -7.33
CA THR A 449 -5.38 -27.59 -7.23
C THR A 449 -4.75 -27.84 -5.87
N ALA A 450 -5.53 -27.66 -4.80
CA ALA A 450 -5.00 -27.87 -3.45
C ALA A 450 -4.59 -29.32 -3.26
N GLU A 451 -5.37 -30.26 -3.78
CA GLU A 451 -5.04 -31.67 -3.64
C GLU A 451 -3.75 -32.01 -4.37
N THR A 452 -3.62 -31.56 -5.62
CA THR A 452 -2.39 -31.82 -6.37
C THR A 452 -1.19 -31.16 -5.70
N SER A 453 -1.37 -29.96 -5.16
CA SER A 453 -0.27 -29.24 -4.51
C SER A 453 0.22 -29.99 -3.28
N LEU A 454 -0.69 -30.61 -2.53
CA LEU A 454 -0.30 -31.45 -1.41
C LEU A 454 0.66 -32.54 -1.85
N ALA A 455 0.30 -33.26 -2.92
CA ALA A 455 1.15 -34.33 -3.41
C ALA A 455 2.46 -33.81 -3.99
N PHE A 456 2.43 -32.61 -4.59
CA PHE A 456 3.61 -32.09 -5.27
C PHE A 456 4.69 -31.65 -4.29
N GLY A 457 4.30 -31.15 -3.11
CA GLY A 457 5.26 -30.55 -2.22
C GLY A 457 6.07 -31.52 -1.40
N THR A 458 5.53 -32.71 -1.13
CA THR A 458 6.15 -33.64 -0.19
C THR A 458 7.59 -33.94 -0.56
N GLN A 459 7.87 -34.14 -1.85
CA GLN A 459 9.18 -34.58 -2.29
C GLN A 459 10.29 -33.61 -1.90
N PHE A 460 9.97 -32.32 -1.79
CA PHE A 460 11.02 -31.34 -1.47
C PHE A 460 11.47 -31.43 -0.03
N GLY A 461 10.63 -31.98 0.86
CA GLY A 461 11.05 -32.19 2.23
C GLY A 461 12.12 -33.25 2.35
N ASP A 462 12.03 -34.29 1.51
CA ASP A 462 13.06 -35.33 1.51
C ASP A 462 14.38 -34.79 0.99
N LEU A 463 14.34 -34.01 -0.10
CA LEU A 463 15.56 -33.40 -0.62
C LEU A 463 16.19 -32.49 0.43
N ALA A 464 15.37 -31.72 1.14
CA ALA A 464 15.89 -30.82 2.16
C ALA A 464 16.56 -31.61 3.29
N HIS A 465 15.95 -32.73 3.71
CA HIS A 465 16.53 -33.52 4.79
C HIS A 465 17.91 -34.05 4.40
N THR A 466 18.03 -34.61 3.20
CA THR A 466 19.32 -35.09 2.72
C THR A 466 20.35 -33.96 2.70
N PHE A 467 19.93 -32.79 2.23
CA PHE A 467 20.83 -31.65 2.12
C PHE A 467 21.35 -31.23 3.49
N VAL A 468 20.46 -31.15 4.48
CA VAL A 468 20.87 -30.68 5.80
C VAL A 468 21.72 -31.74 6.50
N GLN A 469 21.35 -33.01 6.36
CA GLN A 469 22.18 -34.07 6.93
C GLN A 469 23.58 -34.04 6.34
N ARG A 470 23.68 -33.83 5.02
CA ARG A 470 25.00 -33.72 4.39
C ARG A 470 25.84 -32.62 5.03
N HIS A 471 25.21 -31.49 5.39
CA HIS A 471 25.96 -30.39 5.99
C HIS A 471 26.23 -30.64 7.47
N ILE A 472 25.29 -31.28 8.17
CA ILE A 472 25.54 -31.66 9.56
C ILE A 472 26.76 -32.57 9.64
N ASN A 473 26.89 -33.50 8.69
CA ASN A 473 27.94 -34.51 8.72
C ASN A 473 29.27 -34.01 8.15
N GLY A 474 29.32 -32.81 7.58
CA GLY A 474 30.56 -32.20 7.16
C GLY A 474 30.76 -32.06 5.67
N ASP A 475 29.88 -32.60 4.84
CA ASP A 475 29.95 -32.40 3.39
C ASP A 475 31.29 -32.85 2.80
N VAL A 476 31.61 -34.12 3.01
CA VAL A 476 32.85 -34.68 2.49
C VAL A 476 32.58 -35.40 1.17
N PRO B 11 -2.64 27.28 24.41
CA PRO B 11 -4.01 27.22 24.95
C PRO B 11 -5.02 27.93 24.05
N PHE B 12 -6.04 27.21 23.60
CA PHE B 12 -7.03 27.79 22.70
C PHE B 12 -8.05 28.60 23.47
N ASP B 13 -8.32 29.82 23.00
CA ASP B 13 -9.30 30.72 23.60
C ASP B 13 -10.57 30.70 22.77
N PHE B 14 -11.64 30.11 23.30
CA PHE B 14 -12.89 30.01 22.55
C PHE B 14 -13.49 31.37 22.23
N ASP B 15 -13.29 32.37 23.09
CA ASP B 15 -13.98 33.64 22.91
C ASP B 15 -13.36 34.52 21.82
N ASN B 16 -12.03 34.63 21.78
CA ASN B 16 -11.39 35.46 20.78
C ASN B 16 -10.56 34.66 19.77
N GLY B 17 -10.49 33.34 19.93
CA GLY B 17 -9.70 32.51 19.04
C GLY B 17 -10.45 32.11 17.79
N ASN B 18 -9.73 31.38 16.94
CA ASN B 18 -10.20 30.99 15.61
C ASN B 18 -9.85 29.51 15.44
N PHE B 19 -10.86 28.64 15.44
CA PHE B 19 -10.56 27.20 15.42
C PHE B 19 -9.86 26.79 14.13
N ILE B 20 -10.17 27.44 13.01
CA ILE B 20 -9.49 27.13 11.76
C ILE B 20 -8.02 27.52 11.83
N ARG B 21 -7.74 28.74 12.31
CA ARG B 21 -6.37 29.21 12.38
C ARG B 21 -5.59 28.55 13.52
N ASP B 22 -6.21 28.44 14.70
CA ASP B 22 -5.48 28.06 15.90
C ASP B 22 -5.45 26.56 16.15
N LEU B 23 -6.34 25.79 15.53
CA LEU B 23 -6.42 24.36 15.78
C LEU B 23 -6.24 23.53 14.52
N ILE B 24 -7.04 23.78 13.48
CA ILE B 24 -7.11 22.86 12.35
C ILE B 24 -5.88 22.97 11.46
N THR B 25 -5.50 24.20 11.11
CA THR B 25 -4.48 24.41 10.09
C THR B 25 -3.12 24.82 10.66
N THR B 26 -2.89 24.62 11.95
CA THR B 26 -1.59 24.95 12.54
C THR B 26 -0.48 23.97 12.12
N GLY B 29 6.33 28.20 7.70
CA GLY B 29 6.43 26.84 8.21
C GLY B 29 7.65 26.12 7.69
N GLY B 30 7.85 24.87 8.12
CA GLY B 30 8.99 24.09 7.68
C GLY B 30 8.64 22.63 7.57
N GLY B 31 9.26 21.95 6.60
CA GLY B 31 9.08 20.52 6.41
C GLY B 31 7.67 20.14 5.96
N TYR B 32 7.40 18.83 6.02
CA TYR B 32 6.12 18.28 5.61
C TYR B 32 5.32 17.79 6.83
N PRO B 33 3.99 17.87 6.77
CA PRO B 33 3.17 17.39 7.91
C PRO B 33 3.27 15.88 8.06
N PRO B 34 2.90 15.34 9.22
CA PRO B 34 2.96 13.89 9.41
C PRO B 34 2.03 13.15 8.45
N ALA B 35 2.45 11.95 8.07
CA ALA B 35 1.73 11.14 7.10
C ALA B 35 0.65 10.30 7.76
N ASP B 36 -0.42 10.03 7.01
CA ASP B 36 -1.50 9.16 7.46
C ASP B 36 -2.00 8.38 6.25
N ALA B 37 -3.25 7.89 6.33
CA ALA B 37 -3.77 7.00 5.29
C ALA B 37 -4.07 7.71 3.98
N MET B 38 -4.21 9.03 4.00
CA MET B 38 -4.42 9.78 2.76
C MET B 38 -3.06 10.20 2.23
N ALA B 39 -2.67 9.63 1.09
CA ALA B 39 -1.36 9.95 0.53
C ALA B 39 -1.37 11.39 0.02
N PRO B 40 -0.33 12.18 0.31
CA PRO B 40 -0.37 13.61 -0.03
C PRO B 40 -0.55 13.90 -1.51
N GLY B 41 -0.05 13.06 -2.40
CA GLY B 41 -0.20 13.28 -3.83
C GLY B 41 -1.53 12.87 -4.44
N ASP B 42 -2.44 12.31 -3.64
CA ASP B 42 -3.71 11.79 -4.16
C ASP B 42 -4.76 12.90 -4.06
N VAL B 43 -4.87 13.68 -5.14
CA VAL B 43 -5.60 14.93 -5.09
C VAL B 43 -7.13 14.74 -5.16
N SER B 44 -7.61 13.67 -5.78
CA SER B 44 -9.05 13.57 -6.04
C SER B 44 -9.82 13.25 -4.76
N SER B 45 -9.45 12.17 -4.07
CA SER B 45 -10.12 11.86 -2.81
C SER B 45 -9.87 12.95 -1.77
N TYR B 46 -8.67 13.53 -1.77
CA TYR B 46 -8.38 14.62 -0.83
C TYR B 46 -9.33 15.79 -1.05
N THR B 47 -9.47 16.24 -2.30
CA THR B 47 -10.30 17.42 -2.58
C THR B 47 -11.75 17.16 -2.24
N TRP B 48 -12.23 15.95 -2.50
CA TRP B 48 -13.61 15.62 -2.23
C TRP B 48 -13.90 15.64 -0.73
N VAL B 49 -13.13 14.89 0.06
CA VAL B 49 -13.39 14.85 1.50
CA VAL B 49 -13.36 14.84 1.51
C VAL B 49 -13.16 16.22 2.13
N THR B 50 -12.14 16.95 1.66
CA THR B 50 -11.84 18.25 2.24
C THR B 50 -12.98 19.24 1.99
N HIS B 51 -13.67 19.12 0.85
CA HIS B 51 -14.79 20.01 0.60
C HIS B 51 -15.93 19.77 1.59
N LEU B 52 -16.20 18.50 1.92
CA LEU B 52 -17.22 18.23 2.94
C LEU B 52 -16.83 18.85 4.27
N LEU B 53 -15.56 18.66 4.68
CA LEU B 53 -15.08 19.21 5.94
C LEU B 53 -15.25 20.72 5.98
N GLN B 54 -14.74 21.40 4.97
CA GLN B 54 -14.68 22.86 5.03
C GLN B 54 -16.04 23.48 4.74
N THR B 55 -16.91 22.81 3.98
CA THR B 55 -18.27 23.31 3.84
C THR B 55 -19.04 23.20 5.16
N SER B 56 -18.74 22.17 5.97
CA SER B 56 -19.42 22.04 7.24
C SER B 56 -19.08 23.20 8.18
N TRP B 57 -17.86 23.73 8.10
CA TRP B 57 -17.51 24.92 8.87
C TRP B 57 -18.46 26.08 8.54
N PHE B 58 -18.61 26.38 7.25
CA PHE B 58 -19.45 27.50 6.84
C PHE B 58 -20.89 27.29 7.25
N ASP B 59 -21.42 26.09 7.03
CA ASP B 59 -22.80 25.82 7.38
C ASP B 59 -23.03 25.91 8.89
N ALA B 60 -22.03 25.54 9.69
CA ALA B 60 -22.17 25.67 11.13
C ALA B 60 -22.16 27.13 11.58
N LEU B 61 -21.41 27.98 10.89
CA LEU B 61 -21.32 29.38 11.26
C LEU B 61 -22.43 30.24 10.67
N ALA B 62 -23.09 29.76 9.61
CA ALA B 62 -24.09 30.58 8.92
C ALA B 62 -25.19 31.10 9.84
N PRO B 63 -25.80 30.28 10.73
CA PRO B 63 -26.83 30.85 11.62
C PRO B 63 -26.29 31.86 12.61
N TYR B 64 -24.99 31.90 12.86
CA TYR B 64 -24.39 32.88 13.74
C TYR B 64 -23.97 34.16 13.02
N HIS B 65 -24.18 34.23 11.72
CA HIS B 65 -23.93 35.35 10.83
C HIS B 65 -25.19 36.19 10.67
N PRO B 66 -25.09 37.50 10.40
CA PRO B 66 -26.30 38.31 10.25
C PRO B 66 -27.17 37.89 9.06
N THR B 67 -26.59 37.36 7.99
CA THR B 67 -27.36 37.05 6.78
C THR B 67 -27.05 35.69 6.17
N ALA B 68 -25.90 35.09 6.45
CA ALA B 68 -25.48 33.89 5.74
C ALA B 68 -26.45 32.74 5.96
N VAL B 69 -26.60 31.90 4.93
CA VAL B 69 -27.36 30.67 5.01
C VAL B 69 -26.48 29.52 4.56
N GLY B 70 -26.75 28.33 5.08
CA GLY B 70 -25.89 27.20 4.82
C GLY B 70 -26.05 26.65 3.42
N VAL B 71 -25.00 25.93 2.98
CA VAL B 71 -25.03 25.32 1.66
C VAL B 71 -25.91 24.08 1.66
N TYR B 72 -25.76 23.23 2.68
CA TYR B 72 -26.49 21.96 2.76
C TYR B 72 -27.51 21.93 3.89
N SER B 73 -27.66 23.01 4.65
CA SER B 73 -28.67 23.08 5.67
C SER B 73 -29.16 24.51 5.78
N ARG B 74 -30.37 24.66 6.32
CA ARG B 74 -30.94 25.99 6.60
C ARG B 74 -31.37 25.96 8.07
N ILE B 75 -30.55 26.54 8.93
CA ILE B 75 -30.75 26.51 10.38
C ILE B 75 -31.23 27.89 10.81
N PRO B 76 -32.32 27.99 11.57
CA PRO B 76 -32.85 29.31 11.94
C PRO B 76 -31.80 30.18 12.61
N ARG B 77 -31.73 31.44 12.19
CA ARG B 77 -30.68 32.33 12.64
C ARG B 77 -30.74 32.55 14.15
N ARG B 78 -29.55 32.72 14.76
CA ARG B 78 -29.39 32.93 16.19
C ARG B 78 -29.40 34.41 16.53
N PRO B 79 -29.77 34.76 17.76
CA PRO B 79 -29.67 36.17 18.18
C PRO B 79 -28.22 36.64 18.10
N ALA B 80 -28.06 37.93 17.81
CA ALA B 80 -26.74 38.49 17.60
C ALA B 80 -25.84 38.34 18.82
N GLU B 81 -26.44 38.33 20.02
CA GLU B 81 -25.65 38.20 21.25
C GLU B 81 -24.84 36.92 21.26
N GLU B 82 -25.33 35.87 20.60
CA GLU B 82 -24.60 34.61 20.56
C GLU B 82 -23.37 34.67 19.65
N SER B 83 -23.18 35.77 18.92
CA SER B 83 -22.00 35.99 18.11
C SER B 83 -21.11 37.11 18.67
N ALA B 84 -21.38 37.58 19.89
CA ALA B 84 -20.55 38.60 20.49
C ALA B 84 -19.11 38.14 20.62
N THR B 85 -18.92 36.88 21.01
CA THR B 85 -17.61 36.23 20.99
C THR B 85 -17.64 35.10 19.95
N ASN B 86 -16.48 34.48 19.77
CA ASN B 86 -16.35 33.37 18.84
C ASN B 86 -16.68 32.03 19.46
N ARG B 87 -17.17 32.01 20.71
CA ARG B 87 -17.29 30.75 21.44
C ARG B 87 -18.26 29.79 20.76
N ASN B 88 -19.46 30.28 20.44
CA ASN B 88 -20.45 29.40 19.81
C ASN B 88 -20.03 29.00 18.40
N LYS B 89 -19.50 29.95 17.62
CA LYS B 89 -19.07 29.62 16.27
C LYS B 89 -17.94 28.61 16.28
N ASN B 90 -16.98 28.77 17.19
CA ASN B 90 -15.90 27.81 17.32
C ASN B 90 -16.43 26.43 17.69
N ILE B 91 -17.34 26.37 18.67
CA ILE B 91 -17.90 25.09 19.07
C ILE B 91 -18.67 24.45 17.93
N ALA B 92 -19.49 25.24 17.22
CA ALA B 92 -20.30 24.68 16.15
C ALA B 92 -19.44 24.17 15.01
N GLY B 93 -18.41 24.93 14.63
CA GLY B 93 -17.54 24.49 13.54
C GLY B 93 -16.81 23.19 13.86
N LEU B 94 -16.38 23.03 15.11
CA LEU B 94 -15.66 21.82 15.49
C LEU B 94 -16.58 20.60 15.45
N TYR B 95 -17.80 20.73 15.97
CA TYR B 95 -18.73 19.60 15.93
C TYR B 95 -19.18 19.29 14.51
N ALA B 96 -19.31 20.31 13.67
CA ALA B 96 -19.74 20.07 12.29
C ALA B 96 -18.70 19.24 11.54
N MET B 97 -17.42 19.64 11.63
CA MET B 97 -16.40 18.85 10.96
C MET B 97 -16.21 17.49 11.62
N PHE B 98 -16.47 17.40 12.92
CA PHE B 98 -16.43 16.11 13.60
C PHE B 98 -17.46 15.16 12.99
N GLN B 99 -18.65 15.67 12.68
CA GLN B 99 -19.66 14.86 12.00
C GLN B 99 -19.19 14.41 10.62
N VAL B 100 -18.54 15.30 9.87
CA VAL B 100 -17.98 14.91 8.58
C VAL B 100 -16.89 13.88 8.75
N VAL B 101 -16.03 14.05 9.77
CA VAL B 101 -14.96 13.09 10.01
C VAL B 101 -15.54 11.72 10.34
N LYS B 102 -16.59 11.69 11.18
CA LYS B 102 -17.21 10.42 11.52
C LYS B 102 -17.81 9.73 10.30
N ALA B 103 -18.28 10.49 9.32
CA ALA B 103 -18.93 9.89 8.15
C ALA B 103 -17.94 9.57 7.03
N ALA B 104 -16.93 10.41 6.81
CA ALA B 104 -16.13 10.34 5.60
C ALA B 104 -14.64 10.18 5.85
N PHE B 105 -14.20 10.23 7.10
CA PHE B 105 -12.77 10.17 7.40
C PHE B 105 -12.59 9.44 8.73
N THR B 106 -13.11 8.20 8.80
CA THR B 106 -13.17 7.48 10.07
C THR B 106 -11.78 7.23 10.66
N GLU B 107 -10.74 7.17 9.81
CA GLU B 107 -9.38 7.00 10.32
C GLU B 107 -8.99 8.11 11.28
N ARG B 108 -9.53 9.31 11.08
CA ARG B 108 -9.18 10.47 11.89
C ARG B 108 -10.03 10.59 13.15
N VAL B 109 -11.05 9.74 13.31
CA VAL B 109 -11.96 9.87 14.45
C VAL B 109 -11.23 9.82 15.80
N PRO B 110 -10.30 8.89 16.05
CA PRO B 110 -9.63 8.89 17.37
C PRO B 110 -8.91 10.18 17.71
N VAL B 111 -8.17 10.75 16.75
CA VAL B 111 -7.43 11.97 17.02
C VAL B 111 -8.38 13.13 17.29
N LEU B 112 -9.47 13.23 16.52
CA LEU B 112 -10.41 14.32 16.71
C LEU B 112 -11.18 14.19 18.02
N ARG B 113 -11.61 12.97 18.35
CA ARG B 113 -12.25 12.74 19.65
C ARG B 113 -11.34 13.19 20.79
N GLN B 114 -10.04 12.88 20.69
CA GLN B 114 -9.10 13.29 21.72
C GLN B 114 -8.92 14.80 21.74
N ALA B 115 -8.87 15.43 20.56
CA ALA B 115 -8.68 16.87 20.51
C ALA B 115 -9.89 17.61 21.09
N LEU B 116 -11.10 17.14 20.79
CA LEU B 116 -12.29 17.76 21.35
C LEU B 116 -12.34 17.59 22.87
N GLY B 117 -11.98 16.41 23.36
CA GLY B 117 -11.96 16.19 24.80
C GLY B 117 -10.95 17.10 25.50
N ALA B 118 -9.79 17.32 24.85
CA ALA B 118 -8.79 18.21 25.44
C ALA B 118 -9.26 19.66 25.44
N LEU B 119 -10.16 20.03 24.53
CA LEU B 119 -10.72 21.38 24.54
C LEU B 119 -11.83 21.56 25.54
N GLY B 120 -12.26 20.50 26.21
CA GLY B 120 -13.39 20.57 27.11
C GLY B 120 -14.73 20.27 26.46
N LEU B 121 -14.74 19.79 25.23
CA LEU B 121 -15.97 19.43 24.55
C LEU B 121 -16.17 17.93 24.60
N ASP B 122 -17.41 17.52 24.89
CA ASP B 122 -17.75 16.10 24.97
C ASP B 122 -17.82 15.50 23.59
N PRO B 123 -16.92 14.57 23.22
CA PRO B 123 -16.95 13.99 21.87
C PRO B 123 -18.12 13.07 21.63
N ASP B 124 -18.91 12.76 22.66
CA ASP B 124 -20.07 11.89 22.52
C ASP B 124 -21.38 12.68 22.52
N ASP B 125 -21.32 14.00 22.56
CA ASP B 125 -22.52 14.81 22.53
C ASP B 125 -23.09 14.79 21.12
N GLU B 126 -24.22 14.11 20.94
CA GLU B 126 -24.93 14.06 19.66
C GLU B 126 -26.17 14.93 19.67
N SER B 127 -26.28 15.85 20.63
CA SER B 127 -27.42 16.76 20.69
C SER B 127 -27.59 17.51 19.38
N GLN B 128 -28.84 17.71 18.98
CA GLN B 128 -29.17 18.50 17.81
C GLN B 128 -30.13 19.62 18.16
N ASP B 129 -29.95 20.20 19.36
CA ASP B 129 -30.71 21.39 19.76
C ASP B 129 -30.22 22.57 18.95
N LEU B 130 -31.09 23.11 18.10
CA LEU B 130 -30.68 24.16 17.17
C LEU B 130 -30.52 25.53 17.82
N SER B 131 -30.71 25.63 19.14
CA SER B 131 -30.37 26.84 19.87
C SER B 131 -29.01 26.75 20.55
N THR B 132 -28.30 25.62 20.42
CA THR B 132 -27.00 25.45 21.03
C THR B 132 -25.95 25.25 19.93
N ALA B 133 -24.71 25.62 20.25
CA ALA B 133 -23.63 25.51 19.28
C ALA B 133 -23.36 24.05 18.93
N VAL B 134 -23.38 23.16 19.92
CA VAL B 134 -23.16 21.75 19.63
C VAL B 134 -24.27 21.20 18.73
N GLY B 135 -25.51 21.58 19.01
CA GLY B 135 -26.62 21.11 18.20
C GLY B 135 -26.59 21.65 16.78
N ILE B 136 -26.25 22.93 16.63
CA ILE B 136 -26.12 23.51 15.29
C ILE B 136 -24.98 22.85 14.53
N GLY B 137 -23.84 22.66 15.20
CA GLY B 137 -22.71 22.01 14.54
C GLY B 137 -23.03 20.60 14.13
N ASN B 138 -23.56 19.79 15.06
CA ASN B 138 -23.94 18.42 14.73
C ASN B 138 -24.91 18.38 13.57
N THR B 139 -25.89 19.28 13.55
CA THR B 139 -26.88 19.30 12.48
C THR B 139 -26.23 19.70 11.16
N ALA B 140 -25.42 20.77 11.18
CA ALA B 140 -24.80 21.25 9.95
C ALA B 140 -23.86 20.21 9.36
N GLY B 141 -23.08 19.54 10.21
CA GLY B 141 -22.17 18.51 9.71
C GLY B 141 -22.90 17.31 9.16
N LYS B 142 -23.96 16.85 9.85
CA LYS B 142 -24.72 15.70 9.37
C LYS B 142 -25.41 15.99 8.05
N ALA B 143 -25.87 17.23 7.85
CA ALA B 143 -26.52 17.57 6.59
C ALA B 143 -25.54 17.51 5.42
N VAL B 144 -24.30 17.97 5.64
CA VAL B 144 -23.29 17.86 4.60
C VAL B 144 -23.04 16.40 4.24
N ALA B 145 -22.83 15.56 5.25
CA ALA B 145 -22.58 14.14 5.01
C ALA B 145 -23.78 13.48 4.34
N ALA B 146 -24.99 13.78 4.79
CA ALA B 146 -26.17 13.15 4.22
C ALA B 146 -26.33 13.51 2.75
N ALA B 147 -25.96 14.75 2.38
CA ALA B 147 -26.11 15.17 1.00
C ALA B 147 -25.02 14.62 0.10
N ARG B 148 -23.86 14.29 0.65
CA ARG B 148 -22.70 13.99 -0.19
C ARG B 148 -22.21 12.55 -0.10
N MET B 149 -22.43 11.85 1.02
CA MET B 149 -21.87 10.51 1.15
C MET B 149 -22.40 9.57 0.08
N GLY B 150 -23.59 9.84 -0.45
CA GLY B 150 -24.13 9.03 -1.51
C GLY B 150 -24.05 9.66 -2.88
N ASP B 151 -23.18 10.65 -3.08
CA ASP B 151 -23.08 11.28 -4.38
C ASP B 151 -22.31 10.36 -5.33
N GLY B 152 -21.98 10.86 -6.52
CA GLY B 152 -21.33 10.03 -7.52
C GLY B 152 -19.91 9.60 -7.20
N MET B 153 -19.34 10.09 -6.10
CA MET B 153 -17.98 9.71 -5.75
C MET B 153 -17.87 8.26 -5.26
N ASN B 154 -18.99 7.67 -4.83
CA ASN B 154 -19.01 6.29 -4.33
C ASN B 154 -18.09 6.13 -3.12
N ALA B 155 -18.08 7.14 -2.26
CA ALA B 155 -17.19 7.12 -1.10
C ALA B 155 -17.49 5.98 -0.14
N LEU B 156 -18.72 5.45 -0.15
CA LEU B 156 -19.07 4.34 0.71
C LEU B 156 -19.02 3.00 0.01
N GLY B 157 -18.96 2.98 -1.32
CA GLY B 157 -18.70 1.76 -2.06
C GLY B 157 -19.91 1.00 -2.53
N GLY B 158 -21.13 1.48 -2.25
CA GLY B 158 -22.32 0.75 -2.61
C GLY B 158 -22.88 1.02 -3.99
N LYS B 159 -22.25 1.89 -4.77
CA LYS B 159 -22.81 2.29 -6.05
C LYS B 159 -22.85 1.12 -7.02
N ASP B 160 -24.04 0.86 -7.56
CA ASP B 160 -24.24 -0.14 -8.62
C ASP B 160 -23.83 -1.54 -8.18
N ARG B 161 -23.92 -1.84 -6.89
CA ARG B 161 -23.71 -3.20 -6.42
C ARG B 161 -24.36 -3.35 -5.05
N THR B 162 -24.57 -4.61 -4.67
CA THR B 162 -25.21 -4.93 -3.41
C THR B 162 -24.32 -5.69 -2.45
N HIS B 163 -23.20 -6.23 -2.91
CA HIS B 163 -22.33 -7.04 -2.07
C HIS B 163 -20.87 -6.67 -2.33
N ASN B 164 -20.09 -6.67 -1.25
CA ASN B 164 -18.63 -6.60 -1.32
C ASN B 164 -18.13 -5.28 -1.94
N GLY B 165 -18.91 -4.22 -1.78
CA GLY B 165 -18.46 -2.93 -2.28
C GLY B 165 -17.33 -2.36 -1.46
N GLN B 166 -16.47 -1.59 -2.11
CA GLN B 166 -15.33 -0.98 -1.47
CA GLN B 166 -15.33 -0.98 -1.45
C GLN B 166 -15.35 0.53 -1.66
N PRO B 167 -15.06 1.31 -0.62
CA PRO B 167 -15.08 2.77 -0.76
C PRO B 167 -14.26 3.25 -1.96
N TYR B 168 -14.84 4.21 -2.70
CA TYR B 168 -14.24 4.87 -3.85
C TYR B 168 -14.04 3.95 -5.04
N GLU B 169 -14.59 2.74 -4.99
CA GLU B 169 -14.52 1.81 -6.11
C GLU B 169 -15.00 2.46 -7.40
N ASP B 170 -14.30 2.19 -8.49
CA ASP B 170 -14.66 2.70 -9.80
C ASP B 170 -15.82 1.89 -10.37
N TYR B 171 -16.96 2.56 -10.55
CA TYR B 171 -18.13 1.92 -11.14
C TYR B 171 -18.37 2.33 -12.58
N THR B 172 -17.48 3.13 -13.16
CA THR B 172 -17.69 3.74 -14.47
C THR B 172 -17.30 2.84 -15.63
N GLY B 173 -16.64 1.72 -15.37
CA GLY B 173 -16.21 0.86 -16.45
C GLY B 173 -15.04 1.41 -17.26
N TYR B 174 -14.37 2.46 -16.78
CA TYR B 174 -13.19 2.93 -17.48
C TYR B 174 -12.15 1.82 -17.56
N ARG B 175 -11.49 1.71 -18.70
CA ARG B 175 -10.27 0.94 -18.82
C ARG B 175 -9.35 1.64 -19.80
N PRO B 176 -8.05 1.58 -19.57
CA PRO B 176 -7.11 2.20 -20.53
C PRO B 176 -7.06 1.40 -21.82
N VAL B 177 -6.66 2.08 -22.90
CA VAL B 177 -6.44 1.36 -24.15
C VAL B 177 -5.06 0.73 -24.19
N ASN B 178 -4.19 1.11 -23.27
CA ASN B 178 -2.88 0.49 -23.09
C ASN B 178 -2.86 -0.29 -21.78
N THR B 179 -2.14 -1.40 -21.79
CA THR B 179 -1.82 -2.05 -20.53
C THR B 179 -0.49 -1.52 -20.04
N ALA B 180 -0.18 -1.81 -18.77
CA ALA B 180 1.10 -1.38 -18.21
C ALA B 180 2.30 -1.99 -18.95
N ASP B 181 2.09 -3.07 -19.70
CA ASP B 181 3.18 -3.76 -20.37
C ASP B 181 3.32 -3.40 -21.84
N GLU B 182 2.30 -2.82 -22.46
CA GLU B 182 2.33 -2.58 -23.90
C GLU B 182 1.67 -1.25 -24.22
N LEU B 183 2.41 -0.37 -24.88
CA LEU B 183 1.91 0.93 -25.32
C LEU B 183 1.40 0.80 -26.74
N VAL B 184 0.12 0.46 -26.87
CA VAL B 184 -0.48 0.27 -28.19
C VAL B 184 -0.78 1.61 -28.85
N ASP B 185 -1.30 2.58 -28.07
CA ASP B 185 -1.62 3.91 -28.58
C ASP B 185 -0.80 4.92 -27.78
N PRO B 186 0.29 5.43 -28.35
CA PRO B 186 1.17 6.34 -27.59
C PRO B 186 0.56 7.69 -27.27
N SER B 187 -0.63 8.01 -27.78
CA SER B 187 -1.30 9.25 -27.41
C SER B 187 -2.15 9.10 -26.15
N ARG B 188 -2.38 7.87 -25.70
CA ARG B 188 -3.36 7.58 -24.67
C ARG B 188 -2.68 7.12 -23.39
N TRP B 189 -3.40 7.24 -22.28
CA TRP B 189 -2.83 6.94 -20.98
C TRP B 189 -2.42 5.47 -20.89
N GLN B 190 -1.26 5.24 -20.29
CA GLN B 190 -0.78 3.90 -19.96
C GLN B 190 -0.52 3.84 -18.47
N PRO B 191 -1.14 2.92 -17.73
CA PRO B 191 -0.87 2.83 -16.30
C PRO B 191 0.59 2.47 -16.05
N ALA B 192 1.15 3.03 -14.99
CA ALA B 192 2.51 2.67 -14.60
C ALA B 192 2.48 1.43 -13.72
N VAL B 193 3.62 0.73 -13.71
CA VAL B 193 3.89 -0.29 -12.70
C VAL B 193 4.64 0.39 -11.57
N GLU B 194 4.15 0.24 -10.34
CA GLU B 194 4.79 0.92 -9.23
C GLU B 194 4.94 -0.03 -8.05
N PRO B 195 5.93 0.20 -7.19
CA PRO B 195 5.99 -0.57 -5.94
C PRO B 195 4.75 -0.28 -5.10
N HIS B 196 4.36 -1.25 -4.27
CA HIS B 196 3.16 -1.05 -3.47
C HIS B 196 3.34 0.12 -2.51
N ARG B 197 4.52 0.23 -1.91
CA ARG B 197 4.84 1.45 -1.18
C ARG B 197 5.13 2.54 -2.21
N ARG B 198 4.09 3.31 -2.54
CA ARG B 198 4.04 4.08 -3.77
C ARG B 198 4.25 5.57 -3.59
N ARG B 199 4.51 6.04 -2.37
CA ARG B 199 4.65 7.47 -2.15
C ARG B 199 6.08 7.92 -2.45
N THR B 200 6.25 9.24 -2.50
CA THR B 200 7.56 9.80 -2.81
C THR B 200 8.61 9.37 -1.79
N ASP B 201 8.23 9.26 -0.51
CA ASP B 201 9.12 8.78 0.53
C ASP B 201 8.91 7.30 0.83
N GLY B 202 8.44 6.54 -0.16
CA GLY B 202 8.10 5.15 0.08
C GLY B 202 6.67 5.03 0.57
N GLY B 203 6.45 5.36 1.83
CA GLY B 203 5.12 5.39 2.38
C GLY B 203 4.67 4.04 2.90
N PRO B 204 3.44 3.96 3.39
CA PRO B 204 2.93 2.70 3.94
C PRO B 204 2.57 1.72 2.84
N GLY B 205 2.81 0.44 3.10
CA GLY B 205 2.50 -0.57 2.12
C GLY B 205 3.30 -1.83 2.37
N ASP B 206 3.26 -2.71 1.39
CA ASP B 206 3.74 -4.08 1.51
C ASP B 206 5.05 -4.25 0.75
N LYS B 207 6.05 -4.77 1.44
CA LYS B 207 7.37 -4.98 0.87
C LYS B 207 7.34 -6.00 -0.26
N GLY B 208 8.06 -5.71 -1.33
CA GLY B 208 8.26 -6.65 -2.42
C GLY B 208 7.09 -6.83 -3.36
N ILE B 209 6.07 -5.99 -3.27
CA ILE B 209 4.87 -6.10 -4.09
C ILE B 209 4.86 -4.96 -5.11
N PHE B 210 4.40 -5.26 -6.31
CA PHE B 210 4.20 -4.24 -7.34
C PHE B 210 2.76 -4.28 -7.83
N THR B 211 2.28 -3.14 -8.29
CA THR B 211 0.92 -3.02 -8.79
C THR B 211 0.92 -2.27 -10.11
N ALA B 212 -0.15 -2.45 -10.87
CA ALA B 212 -0.43 -1.64 -12.02
C ALA B 212 -1.44 -0.57 -11.63
N GLN B 213 -1.23 0.65 -12.11
CA GLN B 213 -2.08 1.75 -11.71
C GLN B 213 -3.51 1.56 -12.23
N ARG B 214 -4.45 2.08 -11.46
CA ARG B 214 -5.85 2.23 -11.87
C ARG B 214 -6.19 3.71 -11.81
N PHE B 215 -6.87 4.19 -12.84
CA PHE B 215 -7.36 5.57 -12.88
C PHE B 215 -8.00 5.92 -11.55
N ALA B 216 -7.41 6.87 -10.83
CA ALA B 216 -7.92 7.27 -9.52
C ALA B 216 -9.30 7.89 -9.65
N THR B 217 -10.28 7.32 -8.91
CA THR B 217 -11.67 7.75 -8.82
C THR B 217 -12.16 8.40 -10.13
N PRO B 218 -12.23 7.66 -11.23
CA PRO B 218 -12.72 8.27 -12.47
C PRO B 218 -14.11 8.86 -12.32
N GLN B 219 -14.90 8.31 -11.39
CA GLN B 219 -16.24 8.82 -11.13
C GLN B 219 -16.26 10.26 -10.65
N LEU B 220 -15.14 10.81 -10.18
CA LEU B 220 -15.11 12.21 -9.76
C LEU B 220 -15.69 13.12 -10.85
N GLY B 221 -15.39 12.83 -12.11
CA GLY B 221 -15.97 13.60 -13.20
C GLY B 221 -17.49 13.55 -13.26
N LEU B 222 -18.11 12.61 -12.57
CA LEU B 222 -19.56 12.43 -12.59
C LEU B 222 -20.26 13.00 -11.37
N VAL B 223 -19.54 13.41 -10.33
CA VAL B 223 -20.23 13.84 -9.12
C VAL B 223 -20.87 15.21 -9.36
N ALA B 224 -21.97 15.44 -8.67
CA ALA B 224 -22.71 16.68 -8.81
C ALA B 224 -21.83 17.84 -8.36
N PRO B 225 -21.48 18.77 -9.25
CA PRO B 225 -20.63 19.90 -8.85
C PRO B 225 -21.38 20.84 -7.92
N GLN B 226 -20.63 21.78 -7.37
CA GLN B 226 -21.20 22.72 -6.41
C GLN B 226 -21.83 23.94 -7.08
N THR B 227 -21.23 24.44 -8.16
CA THR B 227 -21.66 25.69 -8.77
C THR B 227 -22.18 25.54 -10.19
N TYR B 228 -22.14 24.34 -10.76
CA TYR B 228 -22.65 24.10 -12.11
C TYR B 228 -23.14 22.66 -12.16
N ARG B 229 -23.69 22.26 -13.30
CA ARG B 229 -24.31 20.94 -13.40
CA ARG B 229 -24.32 20.94 -13.42
C ARG B 229 -23.59 19.97 -14.33
N ASP B 230 -22.92 20.45 -15.38
CA ASP B 230 -22.29 19.57 -16.36
C ASP B 230 -20.87 20.05 -16.67
N PRO B 231 -19.83 19.30 -16.29
CA PRO B 231 -18.46 19.77 -16.56
C PRO B 231 -18.12 19.86 -18.04
N ALA B 232 -18.85 19.16 -18.90
CA ALA B 232 -18.59 19.23 -20.34
C ALA B 232 -18.80 20.63 -20.89
N ARG B 233 -19.55 21.49 -20.20
CA ARG B 233 -19.76 22.84 -20.69
C ARG B 233 -18.51 23.71 -20.59
N PHE B 234 -17.50 23.27 -19.84
CA PHE B 234 -16.23 24.00 -19.72
C PHE B 234 -15.26 23.40 -20.73
N LYS B 235 -15.11 24.08 -21.86
CA LYS B 235 -14.34 23.56 -22.97
C LYS B 235 -12.85 23.56 -22.64
N LEU B 236 -12.16 22.54 -23.12
CA LEU B 236 -10.73 22.40 -22.97
C LEU B 236 -10.18 21.98 -24.33
N ALA B 237 -9.19 22.70 -24.82
CA ALA B 237 -8.63 22.41 -26.13
C ALA B 237 -8.02 21.02 -26.16
N ALA B 238 -8.00 20.41 -27.34
CA ALA B 238 -7.44 19.10 -27.50
C ALA B 238 -5.92 19.14 -27.27
N PRO B 239 -5.35 18.09 -26.68
CA PRO B 239 -3.88 18.08 -26.45
C PRO B 239 -3.11 17.69 -27.72
N ASP B 240 -3.16 18.58 -28.72
CA ASP B 240 -2.53 18.32 -30.01
C ASP B 240 -1.03 18.12 -29.89
N HIS B 241 -0.40 18.65 -28.85
CA HIS B 241 1.02 18.42 -28.65
C HIS B 241 1.35 16.98 -28.32
N LEU B 242 0.35 16.13 -28.07
CA LEU B 242 0.57 14.74 -27.71
C LEU B 242 -0.06 13.77 -28.69
N ASP B 243 -0.43 14.25 -29.88
CA ASP B 243 -0.84 13.37 -30.98
C ASP B 243 0.41 12.70 -31.54
N HIS B 244 0.55 11.40 -31.30
CA HIS B 244 1.76 10.71 -31.72
C HIS B 244 1.91 10.68 -33.23
N ASN B 245 0.82 10.85 -33.99
CA ASN B 245 0.95 10.89 -35.44
C ASN B 245 1.66 12.14 -35.91
N ASP B 246 1.66 13.21 -35.10
CA ASP B 246 2.46 14.41 -35.34
C ASP B 246 3.77 14.22 -34.59
N ALA B 247 4.67 13.45 -35.21
CA ALA B 247 5.88 12.99 -34.51
C ALA B 247 6.73 14.15 -34.02
N GLY B 248 6.76 15.25 -34.78
CA GLY B 248 7.59 16.39 -34.38
C GLY B 248 7.07 17.06 -33.13
N ALA B 249 5.76 17.29 -33.05
CA ALA B 249 5.19 17.92 -31.86
C ALA B 249 5.29 16.99 -30.65
N TYR B 250 5.04 15.69 -30.87
CA TYR B 250 5.13 14.72 -29.79
C TYR B 250 6.55 14.67 -29.23
N ARG B 251 7.55 14.57 -30.12
CA ARG B 251 8.93 14.52 -29.65
C ARG B 251 9.33 15.81 -28.95
N GLN B 252 8.85 16.95 -29.44
CA GLN B 252 9.15 18.21 -28.77
C GLN B 252 8.63 18.23 -27.34
N ALA B 253 7.40 17.75 -27.13
CA ALA B 253 6.85 17.69 -25.78
C ALA B 253 7.66 16.73 -24.91
N VAL B 254 8.10 15.60 -25.48
CA VAL B 254 8.93 14.65 -24.75
C VAL B 254 10.28 15.27 -24.40
N ASP B 255 10.92 15.90 -25.38
CA ASP B 255 12.25 16.45 -25.14
C ASP B 255 12.22 17.58 -24.13
N GLU B 256 11.12 18.35 -24.07
CA GLU B 256 10.99 19.37 -23.04
C GLU B 256 10.95 18.74 -21.65
N VAL B 257 10.26 17.60 -21.51
CA VAL B 257 10.21 16.93 -20.22
C VAL B 257 11.58 16.39 -19.85
N LEU B 258 12.30 15.83 -20.82
CA LEU B 258 13.65 15.31 -20.53
C LEU B 258 14.62 16.44 -20.18
N ALA B 259 14.49 17.59 -20.85
CA ALA B 259 15.35 18.73 -20.53
C ALA B 259 15.08 19.26 -19.13
N ALA B 260 13.80 19.32 -18.73
CA ALA B 260 13.48 19.67 -17.36
C ALA B 260 14.09 18.67 -16.39
N SER B 261 14.04 17.38 -16.73
CA SER B 261 14.66 16.36 -15.89
C SER B 261 16.18 16.57 -15.80
N ALA B 262 16.83 16.81 -16.93
CA ALA B 262 18.27 17.02 -16.92
C ALA B 262 18.66 18.28 -16.17
N GLY B 263 17.82 19.30 -16.16
CA GLY B 263 18.16 20.57 -15.55
C GLY B 263 17.77 20.72 -14.09
N LEU B 264 17.31 19.64 -13.44
CA LEU B 264 16.79 19.76 -12.08
C LEU B 264 17.82 20.32 -11.10
N THR B 265 17.40 21.31 -10.33
CA THR B 265 18.17 21.85 -9.22
C THR B 265 17.49 21.46 -7.91
N ASP B 266 18.19 21.70 -6.79
CA ASP B 266 17.62 21.48 -5.47
C ASP B 266 16.28 22.19 -5.33
N GLU B 267 16.22 23.45 -5.75
CA GLU B 267 15.01 24.24 -5.59
C GLU B 267 13.85 23.65 -6.38
N GLN B 268 14.13 23.20 -7.61
CA GLN B 268 13.07 22.64 -8.44
C GLN B 268 12.60 21.29 -7.91
N LYS B 269 13.52 20.48 -7.39
CA LYS B 269 13.13 19.21 -6.78
C LYS B 269 12.21 19.44 -5.59
N VAL B 270 12.58 20.38 -4.72
CA VAL B 270 11.79 20.64 -3.52
C VAL B 270 10.44 21.24 -3.88
N LYS B 271 10.40 22.13 -4.89
CA LYS B 271 9.13 22.68 -5.34
C LYS B 271 8.25 21.63 -5.99
N ALA B 272 8.86 20.67 -6.71
CA ALA B 272 8.09 19.56 -7.24
C ALA B 272 7.38 18.80 -6.11
N GLU B 273 8.12 18.47 -5.05
CA GLU B 273 7.51 17.79 -3.91
C GLU B 273 6.49 18.68 -3.22
N PHE B 274 6.78 19.98 -3.11
CA PHE B 274 5.91 20.88 -2.37
C PHE B 274 4.52 20.96 -3.01
N PHE B 275 4.47 21.21 -4.31
CA PHE B 275 3.18 21.44 -4.96
C PHE B 275 2.39 20.15 -5.17
N GLU B 276 3.01 18.99 -5.00
CA GLU B 276 2.30 17.73 -5.04
C GLU B 276 1.82 17.30 -3.67
N HIS B 277 2.14 18.07 -2.62
CA HIS B 277 1.85 17.71 -1.24
C HIS B 277 0.57 18.41 -0.81
N THR B 278 -0.57 17.79 -1.10
CA THR B 278 -1.86 18.44 -0.89
C THR B 278 -2.08 19.00 0.51
N PRO B 279 -1.76 18.31 1.62
CA PRO B 279 -2.02 18.92 2.93
C PRO B 279 -1.16 20.14 3.21
N LEU B 280 -0.17 20.41 2.38
CA LEU B 280 0.69 21.57 2.54
C LEU B 280 0.35 22.65 1.50
N SER B 281 0.72 22.45 0.24
CA SER B 281 0.59 23.53 -0.75
C SER B 281 -0.89 23.86 -1.01
N VAL B 282 -1.74 22.85 -1.03
CA VAL B 282 -3.14 23.07 -1.36
C VAL B 282 -3.92 23.51 -0.13
N THR B 283 -3.75 22.78 0.98
CA THR B 283 -4.57 23.04 2.15
C THR B 283 -4.17 24.35 2.84
N LEU B 284 -2.87 24.64 2.89
CA LEU B 284 -2.39 25.74 3.73
C LEU B 284 -2.10 27.02 2.97
N SER B 285 -2.20 27.03 1.63
CA SER B 285 -2.11 28.31 0.93
C SER B 285 -3.27 29.23 1.27
N PRO B 286 -4.52 28.78 1.44
CA PRO B 286 -5.55 29.69 1.96
C PRO B 286 -5.24 30.20 3.35
N ARG B 287 -4.59 29.39 4.21
CA ARG B 287 -4.19 29.88 5.52
C ARG B 287 -3.24 31.05 5.40
N ALA B 288 -2.21 30.93 4.56
CA ALA B 288 -1.26 32.02 4.38
C ALA B 288 -1.97 33.27 3.87
N ALA B 289 -2.86 33.12 2.88
CA ALA B 289 -3.62 34.27 2.38
C ALA B 289 -4.49 34.88 3.47
N ALA B 290 -5.15 34.04 4.26
CA ALA B 290 -5.98 34.56 5.35
C ALA B 290 -5.14 35.30 6.37
N MET B 291 -3.95 34.79 6.69
CA MET B 291 -3.07 35.45 7.65
CA MET B 291 -3.09 35.46 7.65
C MET B 291 -2.60 36.80 7.12
N ALA B 292 -2.29 36.87 5.82
CA ALA B 292 -1.83 38.11 5.23
C ALA B 292 -2.92 39.16 5.11
N HIS B 293 -4.18 38.82 5.42
CA HIS B 293 -5.27 39.76 5.24
C HIS B 293 -6.05 39.99 6.52
N ASP B 294 -5.58 39.46 7.65
CA ASP B 294 -6.16 39.77 8.97
C ASP B 294 -7.68 39.54 8.98
N LEU B 295 -8.09 38.36 8.55
CA LEU B 295 -9.50 38.03 8.52
C LEU B 295 -9.97 37.55 9.88
N ASP B 296 -11.23 37.85 10.20
CA ASP B 296 -11.82 37.30 11.41
C ASP B 296 -12.33 35.88 11.13
N LEU B 297 -12.95 35.27 12.13
CA LEU B 297 -13.34 33.86 12.02
C LEU B 297 -14.29 33.64 10.85
N ASP B 298 -15.30 34.50 10.71
CA ASP B 298 -16.20 34.42 9.56
C ASP B 298 -15.41 34.51 8.25
N GLY B 299 -14.47 35.44 8.17
CA GLY B 299 -13.69 35.59 6.95
C GLY B 299 -12.85 34.37 6.63
N TRP B 300 -12.34 33.68 7.67
CA TRP B 300 -11.61 32.46 7.44
C TRP B 300 -12.51 31.36 6.88
N ALA B 301 -13.66 31.15 7.50
CA ALA B 301 -14.59 30.12 7.02
C ALA B 301 -15.05 30.43 5.61
N GLN B 302 -15.30 31.70 5.30
CA GLN B 302 -15.72 32.07 3.95
C GLN B 302 -14.60 31.87 2.94
N LEU B 303 -13.38 32.31 3.26
CA LEU B 303 -12.27 32.14 2.33
C LEU B 303 -12.01 30.67 2.04
N PHE B 304 -11.98 29.84 3.08
CA PHE B 304 -11.72 28.42 2.88
C PHE B 304 -12.84 27.77 2.08
N LEU B 305 -14.08 28.20 2.28
CA LEU B 305 -15.17 27.66 1.47
C LEU B 305 -15.02 28.07 0.00
N VAL B 306 -14.67 29.34 -0.27
CA VAL B 306 -14.50 29.76 -1.66
C VAL B 306 -13.38 28.97 -2.31
N CYS B 307 -12.28 28.80 -1.59
CA CYS B 307 -11.15 28.03 -2.12
C CYS B 307 -11.53 26.58 -2.33
N SER B 308 -12.17 25.96 -1.33
CA SER B 308 -12.55 24.56 -1.43
C SER B 308 -13.56 24.33 -2.53
N THR B 309 -14.54 25.23 -2.66
CA THR B 309 -15.51 25.13 -3.75
C THR B 309 -14.82 25.20 -5.10
N ALA B 310 -13.85 26.12 -5.23
CA ALA B 310 -13.11 26.24 -6.48
C ALA B 310 -12.32 24.97 -6.80
N ARG B 311 -11.66 24.41 -5.79
CA ARG B 311 -10.93 23.15 -5.99
C ARG B 311 -11.88 22.02 -6.39
N PHE B 312 -12.99 21.90 -5.64
CA PHE B 312 -13.97 20.85 -5.90
C PHE B 312 -14.49 20.90 -7.32
N ASP B 313 -15.01 22.06 -7.73
CA ASP B 313 -15.63 22.17 -9.05
C ASP B 313 -14.59 22.15 -10.17
N SER B 314 -13.41 22.72 -9.96
CA SER B 314 -12.40 22.67 -11.01
C SER B 314 -11.87 21.25 -11.18
N LEU B 315 -11.72 20.50 -10.08
CA LEU B 315 -11.19 19.15 -10.20
C LEU B 315 -12.19 18.19 -10.82
N ILE B 316 -13.49 18.41 -10.55
CA ILE B 316 -14.52 17.64 -11.26
C ILE B 316 -14.39 17.85 -12.76
N ALA B 317 -14.25 19.11 -13.19
CA ALA B 317 -14.09 19.38 -14.61
C ALA B 317 -12.79 18.81 -15.14
N ALA B 318 -11.70 18.92 -14.36
CA ALA B 318 -10.44 18.33 -14.79
C ALA B 318 -10.55 16.81 -14.92
N TRP B 319 -11.23 16.17 -13.97
CA TRP B 319 -11.38 14.72 -14.04
C TRP B 319 -12.28 14.30 -15.18
N HIS B 320 -13.30 15.10 -15.48
CA HIS B 320 -14.12 14.85 -16.67
C HIS B 320 -13.26 14.85 -17.93
N HIS B 321 -12.39 15.85 -18.07
CA HIS B 321 -11.53 15.93 -19.24
C HIS B 321 -10.39 14.92 -19.20
N LYS B 322 -9.87 14.60 -18.01
CA LYS B 322 -8.86 13.55 -17.91
C LYS B 322 -9.36 12.26 -18.53
N ARG B 323 -10.63 11.93 -18.26
CA ARG B 323 -11.22 10.72 -18.83
C ARG B 323 -11.51 10.87 -20.31
N ALA B 324 -12.06 12.03 -20.72
CA ALA B 324 -12.40 12.21 -22.13
C ALA B 324 -11.15 12.19 -23.00
N TYR B 325 -10.11 12.93 -22.62
CA TYR B 325 -8.91 12.94 -23.44
C TYR B 325 -8.02 11.73 -23.19
N ASP B 326 -7.96 11.24 -21.95
CA ASP B 326 -7.32 9.96 -21.63
C ASP B 326 -5.88 9.92 -22.18
N THR B 327 -5.10 10.93 -21.82
CA THR B 327 -3.84 11.24 -22.50
C THR B 327 -2.64 10.58 -21.82
N VAL B 328 -1.64 10.25 -22.66
CA VAL B 328 -0.43 9.59 -22.22
C VAL B 328 0.37 10.46 -21.24
N ARG B 329 1.04 9.80 -20.28
CA ARG B 329 1.95 10.45 -19.34
C ARG B 329 3.37 10.47 -19.90
N PRO B 330 4.24 11.33 -19.36
CA PRO B 330 5.59 11.47 -19.95
C PRO B 330 6.40 10.18 -20.01
N PHE B 331 6.35 9.32 -18.98
CA PHE B 331 7.20 8.14 -19.01
C PHE B 331 6.89 7.25 -20.22
N SER B 332 5.60 7.08 -20.55
CA SER B 332 5.25 6.31 -21.74
C SER B 332 5.68 7.00 -23.02
N ALA B 333 5.55 8.33 -23.06
CA ALA B 333 5.91 9.08 -24.24
C ALA B 333 7.41 9.09 -24.47
N VAL B 334 8.20 9.19 -23.40
CA VAL B 334 9.65 9.05 -23.50
C VAL B 334 10.01 7.71 -24.11
N ARG B 335 9.34 6.63 -23.67
CA ARG B 335 9.65 5.30 -24.18
CA ARG B 335 9.65 5.30 -24.18
C ARG B 335 9.27 5.17 -25.65
N HIS B 336 8.13 5.74 -26.04
CA HIS B 336 7.72 5.69 -27.46
C HIS B 336 8.75 6.36 -28.35
N VAL B 337 9.25 7.53 -27.94
CA VAL B 337 10.14 8.30 -28.82
C VAL B 337 11.52 7.64 -28.91
N TYR B 338 12.04 7.15 -27.78
CA TYR B 338 13.43 6.72 -27.72
C TYR B 338 13.63 5.23 -27.45
N GLY B 339 12.60 4.52 -27.03
CA GLY B 339 12.77 3.09 -26.76
C GLY B 339 13.81 2.86 -25.67
N SER B 340 14.87 2.13 -26.01
CA SER B 340 15.96 1.87 -25.09
C SER B 340 17.15 2.81 -25.30
N LYS B 341 17.07 3.74 -26.24
CA LYS B 341 18.19 4.60 -26.55
C LYS B 341 18.53 5.49 -25.36
N PRO B 342 19.81 5.83 -25.18
CA PRO B 342 20.18 6.69 -24.05
C PRO B 342 19.71 8.12 -24.26
N VAL B 343 19.32 8.76 -23.16
CA VAL B 343 18.93 10.16 -23.17
C VAL B 343 19.69 10.86 -22.05
N THR B 344 19.68 12.18 -22.10
CA THR B 344 20.26 13.02 -21.07
C THR B 344 19.14 13.50 -20.15
N ALA B 345 19.19 13.09 -18.89
CA ALA B 345 18.12 13.37 -17.94
C ALA B 345 18.61 12.99 -16.56
N TRP B 346 17.73 13.17 -15.57
CA TRP B 346 18.01 12.68 -14.22
C TRP B 346 18.28 11.19 -14.27
N GLY B 347 19.35 10.76 -13.60
CA GLY B 347 19.71 9.36 -13.57
C GLY B 347 19.06 8.56 -12.47
N GLY B 348 18.34 9.22 -11.57
CA GLY B 348 17.75 8.54 -10.44
C GLY B 348 18.38 8.99 -9.14
N PRO B 349 17.91 8.44 -8.02
CA PRO B 349 18.37 8.91 -6.71
C PRO B 349 19.89 8.84 -6.58
N GLY B 350 20.47 9.95 -6.10
CA GLY B 350 21.90 10.06 -5.88
C GLY B 350 22.76 10.20 -7.12
N LYS B 351 22.18 10.24 -8.31
CA LYS B 351 22.97 10.24 -9.53
C LYS B 351 23.03 11.59 -10.24
N GLY B 352 22.14 12.52 -9.94
CA GLY B 352 22.14 13.76 -10.68
C GLY B 352 21.85 13.51 -12.16
N THR B 353 22.21 14.50 -12.97
CA THR B 353 22.04 14.39 -14.41
C THR B 353 23.10 13.47 -15.00
N VAL B 354 22.66 12.54 -15.85
CA VAL B 354 23.55 11.62 -16.53
C VAL B 354 23.32 11.77 -18.03
N GLU B 355 24.34 11.43 -18.79
CA GLU B 355 24.29 11.57 -20.24
C GLU B 355 23.66 10.37 -20.93
N SER B 356 23.58 9.22 -20.27
CA SER B 356 23.20 7.99 -20.95
C SER B 356 22.34 7.09 -20.04
N ILE B 357 21.19 7.60 -19.63
CA ILE B 357 20.19 6.75 -19.01
C ILE B 357 19.31 6.21 -20.13
N PRO B 358 19.15 4.89 -20.25
CA PRO B 358 18.22 4.37 -21.26
C PRO B 358 16.84 4.96 -21.06
N ALA B 359 16.21 5.36 -22.17
CA ALA B 359 14.91 6.03 -22.07
C ALA B 359 13.88 5.16 -21.38
N ASP B 360 13.92 3.84 -21.61
CA ASP B 360 12.97 2.95 -20.97
C ASP B 360 13.31 2.67 -19.51
N GLU B 361 14.36 3.29 -18.98
CA GLU B 361 14.63 3.26 -17.55
C GLU B 361 14.47 4.62 -16.90
N TRP B 362 14.10 5.64 -17.69
CA TRP B 362 13.87 6.98 -17.14
C TRP B 362 12.60 7.02 -16.30
N THR B 363 12.63 7.85 -15.26
CA THR B 363 11.45 8.14 -14.48
C THR B 363 11.43 9.61 -14.10
N GLY B 364 10.23 10.17 -13.96
CA GLY B 364 10.11 11.50 -13.39
C GLY B 364 10.67 11.55 -11.98
N TYR B 365 11.00 12.77 -11.54
CA TYR B 365 11.54 12.92 -10.19
C TYR B 365 10.58 12.38 -9.13
N LEU B 366 9.27 12.60 -9.33
CA LEU B 366 8.27 12.07 -8.42
C LEU B 366 7.50 10.94 -9.08
N PRO B 367 6.99 9.99 -8.31
CA PRO B 367 6.15 8.93 -8.90
C PRO B 367 4.96 9.53 -9.63
N VAL B 368 4.77 9.09 -10.87
CA VAL B 368 3.74 9.67 -11.71
C VAL B 368 2.36 9.35 -11.16
N GLY B 369 1.46 10.34 -11.20
CA GLY B 369 0.13 10.14 -10.67
C GLY B 369 -0.64 9.09 -11.46
N ASN B 370 -1.56 8.41 -10.77
CA ASN B 370 -2.30 7.30 -11.36
C ASN B 370 -3.58 7.77 -12.04
N HIS B 371 -3.42 8.61 -13.05
CA HIS B 371 -4.54 9.06 -13.86
C HIS B 371 -4.00 9.67 -15.15
N PRO B 372 -4.83 9.76 -16.19
CA PRO B 372 -4.37 10.35 -17.46
C PRO B 372 -3.83 11.76 -17.28
N GLU B 373 -3.08 12.21 -18.29
CA GLU B 373 -2.20 13.35 -18.14
C GLU B 373 -2.89 14.70 -18.32
N TYR B 374 -4.01 14.76 -19.03
CA TYR B 374 -4.48 16.03 -19.56
C TYR B 374 -5.93 16.27 -19.17
N PRO B 375 -6.25 17.36 -18.43
CA PRO B 375 -5.31 18.37 -17.95
C PRO B 375 -4.61 17.97 -16.64
N SER B 376 -3.79 18.87 -16.11
CA SER B 376 -3.14 18.64 -14.82
C SER B 376 -4.11 18.91 -13.69
N GLY B 377 -4.28 17.92 -12.80
CA GLY B 377 -5.16 18.10 -11.67
C GLY B 377 -4.68 19.17 -10.71
N PHE B 378 -3.40 19.08 -10.32
CA PHE B 378 -2.85 20.06 -9.38
C PHE B 378 -2.87 21.47 -9.97
N THR B 379 -2.50 21.61 -11.25
CA THR B 379 -2.38 22.94 -11.83
C THR B 379 -3.74 23.59 -12.00
N THR B 380 -4.72 22.83 -12.52
CA THR B 380 -6.08 23.33 -12.62
C THR B 380 -6.62 23.74 -11.26
N LEU B 381 -6.43 22.89 -10.25
CA LEU B 381 -6.98 23.15 -8.93
C LEU B 381 -6.37 24.39 -8.31
N ILE B 382 -5.05 24.56 -8.43
CA ILE B 382 -4.39 25.71 -7.81
C ILE B 382 -4.77 26.99 -8.53
N ALA B 383 -4.88 26.95 -9.86
CA ALA B 383 -5.33 28.14 -10.59
C ALA B 383 -6.74 28.53 -10.19
N ALA B 384 -7.61 27.55 -9.97
CA ALA B 384 -8.96 27.84 -9.50
C ALA B 384 -8.93 28.40 -8.08
N GLN B 385 -8.12 27.80 -7.22
CA GLN B 385 -8.01 28.28 -5.84
C GLN B 385 -7.41 29.67 -5.78
N ALA B 386 -6.40 29.92 -6.60
CA ALA B 386 -5.78 31.24 -6.63
C ALA B 386 -6.79 32.31 -7.05
N GLN B 387 -7.61 32.00 -8.05
CA GLN B 387 -8.59 32.98 -8.52
C GLN B 387 -9.68 33.20 -7.47
N ALA B 388 -10.09 32.12 -6.80
CA ALA B 388 -11.09 32.24 -5.74
C ALA B 388 -10.60 33.15 -4.63
N ALA B 389 -9.35 32.96 -4.20
CA ALA B 389 -8.81 33.81 -3.14
C ALA B 389 -8.63 35.25 -3.62
N ARG B 390 -8.14 35.44 -4.84
CA ARG B 390 -8.06 36.77 -5.45
C ARG B 390 -9.40 37.49 -5.41
N SER B 391 -10.44 36.84 -5.91
CA SER B 391 -11.75 37.48 -5.99
C SER B 391 -12.29 37.78 -4.60
N PHE B 392 -12.13 36.84 -3.67
CA PHE B 392 -12.69 37.03 -2.33
C PHE B 392 -11.90 38.07 -1.56
N LEU B 393 -10.57 37.99 -1.58
CA LEU B 393 -9.76 38.87 -0.76
C LEU B 393 -9.49 40.23 -1.39
N GLY B 394 -9.71 40.37 -2.71
CA GLY B 394 -9.56 41.64 -3.37
C GLY B 394 -8.19 41.94 -3.92
N ASP B 395 -7.18 41.11 -3.65
CA ASP B 395 -5.85 41.32 -4.20
C ASP B 395 -5.16 39.97 -4.36
N ASP B 396 -3.95 40.01 -4.92
CA ASP B 396 -3.20 38.81 -5.24
C ASP B 396 -2.20 38.42 -4.16
N VAL B 397 -2.25 39.06 -2.98
CA VAL B 397 -1.21 38.87 -1.98
C VAL B 397 -1.36 37.51 -1.31
N LEU B 398 -0.24 36.79 -1.21
CA LEU B 398 -0.17 35.52 -0.51
C LEU B 398 0.85 35.52 0.62
N ASN B 399 2.08 35.94 0.34
CA ASN B 399 3.13 36.14 1.36
C ASN B 399 3.35 34.89 2.20
N TRP B 400 3.66 33.79 1.51
CA TRP B 400 3.93 32.52 2.16
C TRP B 400 5.39 32.16 1.98
N THR B 401 6.10 31.96 3.08
CA THR B 401 7.45 31.42 3.08
C THR B 401 7.42 30.08 3.79
N HIS B 402 8.00 29.07 3.17
CA HIS B 402 8.10 27.74 3.75
C HIS B 402 9.54 27.27 3.67
N ALA B 403 10.02 26.71 4.78
CA ALA B 403 11.41 26.33 4.91
C ALA B 403 11.59 24.84 4.67
N PHE B 404 12.69 24.49 4.00
CA PHE B 404 13.08 23.09 3.81
C PHE B 404 14.51 22.95 4.29
N PRO B 405 14.73 22.43 5.49
CA PRO B 405 16.10 22.21 5.97
C PRO B 405 16.87 21.31 5.02
N ALA B 406 18.20 21.41 5.10
CA ALA B 406 19.06 20.55 4.31
C ALA B 406 18.66 19.09 4.50
N GLY B 407 18.56 18.36 3.38
CA GLY B 407 18.23 16.95 3.42
C GLY B 407 16.79 16.60 3.69
N SER B 408 15.90 17.58 3.78
CA SER B 408 14.50 17.31 4.10
C SER B 408 13.69 16.86 2.89
N GLY B 409 14.28 16.80 1.70
CA GLY B 409 13.55 16.28 0.55
C GLY B 409 13.14 14.84 0.78
N GLN B 410 11.94 14.49 0.29
CA GLN B 410 11.43 13.14 0.48
C GLN B 410 11.95 12.17 -0.57
N ARG B 411 12.21 12.64 -1.79
CA ARG B 411 12.68 11.75 -2.84
C ARG B 411 14.15 11.36 -2.65
N GLU B 412 14.98 12.29 -2.21
CA GLU B 412 16.40 12.05 -1.98
C GLU B 412 16.76 12.53 -0.59
N PRO B 413 16.30 11.83 0.44
CA PRO B 413 16.51 12.30 1.82
C PRO B 413 17.98 12.36 2.18
N GLY B 414 18.33 13.38 2.97
CA GLY B 414 19.70 13.59 3.38
C GLY B 414 20.56 14.30 2.36
N ALA B 415 20.20 14.27 1.09
CA ALA B 415 20.98 14.89 0.03
C ALA B 415 20.34 16.14 -0.56
N VAL B 416 19.02 16.21 -0.58
CA VAL B 416 18.27 17.29 -1.21
C VAL B 416 17.35 17.90 -0.18
N PRO B 417 17.36 19.24 0.00
CA PRO B 417 18.30 20.14 -0.65
C PRO B 417 19.69 20.05 0.01
N ALA B 418 20.73 20.45 -0.72
CA ALA B 418 22.08 20.34 -0.17
C ALA B 418 22.28 21.26 1.03
N SER B 419 21.57 22.39 1.08
CA SER B 419 21.62 23.28 2.23
C SER B 419 20.21 23.79 2.52
N ASP B 420 20.06 24.43 3.69
CA ASP B 420 18.79 24.99 4.10
C ASP B 420 18.23 25.89 3.01
N LEU B 421 16.92 25.77 2.77
CA LEU B 421 16.28 26.46 1.66
C LEU B 421 14.98 27.09 2.14
N GLU B 422 14.72 28.31 1.70
CA GLU B 422 13.46 29.00 1.94
C GLU B 422 12.81 29.33 0.61
N LEU B 423 11.58 28.88 0.43
CA LEU B 423 10.78 29.19 -0.74
C LEU B 423 9.75 30.23 -0.35
N THR B 424 9.60 31.27 -1.17
CA THR B 424 8.69 32.36 -0.88
C THR B 424 7.81 32.62 -2.09
N TRP B 425 6.52 32.82 -1.85
CA TRP B 425 5.58 33.26 -2.87
C TRP B 425 4.87 34.49 -2.33
N ALA B 426 5.16 35.65 -2.92
CA ALA B 426 4.50 36.88 -2.50
C ALA B 426 3.06 36.92 -2.97
N THR B 427 2.76 36.31 -4.11
CA THR B 427 1.45 36.41 -4.75
C THR B 427 0.94 35.04 -5.15
N TRP B 428 -0.38 34.93 -5.29
CA TRP B 428 -0.97 33.72 -5.86
C TRP B 428 -0.49 33.48 -7.29
N THR B 429 -0.22 34.56 -8.02
CA THR B 429 0.28 34.41 -9.39
C THR B 429 1.61 33.69 -9.40
N ASP B 430 2.55 34.12 -8.55
CA ASP B 430 3.81 33.39 -8.42
C ASP B 430 3.57 31.96 -7.98
N PHE B 431 2.63 31.75 -7.06
CA PHE B 431 2.36 30.42 -6.53
C PHE B 431 1.85 29.48 -7.62
N GLU B 432 0.87 29.93 -8.41
CA GLU B 432 0.30 29.05 -9.43
C GLU B 432 1.25 28.85 -10.59
N ASN B 433 2.05 29.87 -10.92
CA ASN B 433 3.04 29.70 -11.99
C ASN B 433 4.10 28.69 -11.59
N ASP B 434 4.55 28.73 -10.33
CA ASP B 434 5.48 27.72 -9.84
C ASP B 434 4.85 26.33 -9.84
N CYS B 435 3.57 26.24 -9.46
CA CYS B 435 2.91 24.94 -9.44
C CYS B 435 2.91 24.31 -10.82
N ALA B 436 2.54 25.08 -11.85
CA ALA B 436 2.48 24.55 -13.21
C ALA B 436 3.83 24.03 -13.67
N THR B 437 4.88 24.83 -13.52
CA THR B 437 6.20 24.40 -13.95
C THR B 437 6.71 23.23 -13.13
N SER B 438 6.34 23.15 -11.85
CA SER B 438 6.83 22.06 -11.01
C SER B 438 6.27 20.72 -11.45
N ARG B 439 5.09 20.70 -12.09
CA ARG B 439 4.57 19.44 -12.61
C ARG B 439 5.46 18.90 -13.72
N VAL B 440 6.15 19.78 -14.44
CA VAL B 440 7.13 19.36 -15.44
C VAL B 440 8.43 18.93 -14.78
N TRP B 441 8.90 19.68 -13.78
CA TRP B 441 10.04 19.24 -12.99
C TRP B 441 9.79 17.87 -12.37
N ALA B 442 8.57 17.63 -11.90
CA ALA B 442 8.23 16.34 -11.33
C ALA B 442 8.24 15.22 -12.35
N GLY B 443 8.28 15.55 -13.64
CA GLY B 443 8.16 14.54 -14.68
C GLY B 443 6.75 14.03 -14.89
N ALA B 444 5.76 14.64 -14.25
CA ALA B 444 4.40 14.14 -14.27
C ALA B 444 3.60 14.68 -15.45
N NEP B 445 3.99 15.87 -15.92
CA NEP B 445 3.22 16.57 -16.95
C NEP B 445 4.09 17.20 -18.02
O NEP B 445 5.23 17.53 -17.81
CB NEP B 445 2.35 17.66 -16.34
CG NEP B 445 1.14 17.11 -15.65
ND1 NEP B 445 0.12 16.53 -16.38
CD2 NEP B 445 0.86 17.05 -14.32
CE1 NEP B 445 -0.74 16.12 -15.49
NE2 NEP B 445 -0.38 16.41 -14.19
P NEP B 445 -1.23 16.08 -12.79
O1P NEP B 445 -0.45 14.85 -12.12
O2P NEP B 445 -0.96 17.30 -11.82
O3P NEP B 445 -2.64 15.75 -12.82
N PHE B 446 3.49 17.39 -19.20
CA PHE B 446 4.14 18.10 -20.29
C PHE B 446 3.93 19.59 -20.13
N THR B 447 4.84 20.37 -20.73
CA THR B 447 4.83 21.82 -20.54
C THR B 447 3.54 22.45 -21.03
N LYS B 448 3.07 22.05 -22.22
CA LYS B 448 1.85 22.63 -22.78
C LYS B 448 0.64 22.25 -21.94
N THR B 449 0.62 21.03 -21.40
CA THR B 449 -0.47 20.64 -20.51
C THR B 449 -0.52 21.54 -19.28
N ALA B 450 0.64 21.81 -18.67
CA ALA B 450 0.66 22.66 -17.49
C ALA B 450 0.17 24.07 -17.82
N GLU B 451 0.58 24.60 -18.98
CA GLU B 451 0.13 25.94 -19.38
C GLU B 451 -1.38 25.98 -19.60
N THR B 452 -1.92 25.01 -20.35
CA THR B 452 -3.35 25.00 -20.61
C THR B 452 -4.15 24.80 -19.34
N SER B 453 -3.63 23.99 -18.41
CA SER B 453 -4.34 23.74 -17.15
C SER B 453 -4.44 25.02 -16.32
N LEU B 454 -3.39 25.84 -16.30
CA LEU B 454 -3.43 27.12 -15.62
C LEU B 454 -4.56 27.99 -16.15
N ALA B 455 -4.66 28.11 -17.48
CA ALA B 455 -5.70 28.92 -18.08
C ALA B 455 -7.08 28.33 -17.82
N PHE B 456 -7.18 27.01 -17.75
CA PHE B 456 -8.48 26.35 -17.59
C PHE B 456 -9.04 26.51 -16.19
N GLY B 457 -8.19 26.55 -15.16
CA GLY B 457 -8.68 26.52 -13.79
C GLY B 457 -9.22 27.85 -13.29
N THR B 458 -8.72 28.95 -13.83
CA THR B 458 -9.04 30.27 -13.28
C THR B 458 -10.54 30.51 -13.19
N GLN B 459 -11.29 30.09 -14.21
CA GLN B 459 -12.71 30.40 -14.27
C GLN B 459 -13.49 29.81 -13.09
N PHE B 460 -13.01 28.71 -12.51
CA PHE B 460 -13.76 28.09 -11.42
C PHE B 460 -13.64 28.88 -10.13
N GLY B 461 -12.60 29.70 -9.99
CA GLY B 461 -12.51 30.58 -8.83
C GLY B 461 -13.57 31.67 -8.85
N ASP B 462 -13.88 32.19 -10.04
CA ASP B 462 -14.94 33.19 -10.16
C ASP B 462 -16.31 32.60 -9.85
N LEU B 463 -16.58 31.40 -10.38
CA LEU B 463 -17.82 30.72 -10.04
C LEU B 463 -17.93 30.47 -8.54
N ALA B 464 -16.82 30.05 -7.91
CA ALA B 464 -16.85 29.78 -6.48
C ALA B 464 -17.15 31.04 -5.67
N HIS B 465 -16.55 32.17 -6.06
CA HIS B 465 -16.78 33.42 -5.34
C HIS B 465 -18.25 33.82 -5.43
N THR B 466 -18.82 33.78 -6.64
CA THR B 466 -20.24 34.10 -6.81
C THR B 466 -21.11 33.20 -5.95
N PHE B 467 -20.80 31.90 -5.91
CA PHE B 467 -21.59 30.94 -5.15
C PHE B 467 -21.53 31.23 -3.65
N VAL B 468 -20.33 31.53 -3.13
CA VAL B 468 -20.21 31.76 -1.70
C VAL B 468 -20.83 33.10 -1.32
N GLN B 469 -20.64 34.12 -2.15
CA GLN B 469 -21.27 35.42 -1.89
C GLN B 469 -22.79 35.29 -1.84
N ARG B 470 -23.36 34.50 -2.75
CA ARG B 470 -24.80 34.27 -2.73
C ARG B 470 -25.25 33.71 -1.39
N HIS B 471 -24.46 32.79 -0.82
CA HIS B 471 -24.83 32.19 0.46
C HIS B 471 -24.53 33.12 1.62
N ILE B 472 -23.44 33.90 1.53
CA ILE B 472 -23.16 34.90 2.54
C ILE B 472 -24.30 35.91 2.62
N ASN B 473 -24.84 36.29 1.47
CA ASN B 473 -25.88 37.31 1.39
C ASN B 473 -27.27 36.77 1.67
N GLY B 474 -27.44 35.46 1.82
CA GLY B 474 -28.71 34.89 2.21
C GLY B 474 -29.41 34.08 1.15
N ASP B 475 -28.88 34.04 -0.07
CA ASP B 475 -29.41 33.20 -1.15
C ASP B 475 -30.87 33.54 -1.44
N VAL B 476 -31.09 34.80 -1.79
CA VAL B 476 -32.43 35.27 -2.14
C VAL B 476 -32.60 35.30 -3.65
MG MG C . 19.89 -26.11 24.42
CL CL D . -14.45 5.62 -20.43
MG MG E . -11.64 36.43 14.93
#